data_5EGY
#
_entry.id   5EGY
#
_cell.length_a   119.190
_cell.length_b   106.206
_cell.length_c   62.572
_cell.angle_alpha   90.00
_cell.angle_beta   91.81
_cell.angle_gamma   90.00
#
_symmetry.space_group_name_H-M   'C 1 2 1'
#
loop_
_entity.id
_entity.type
_entity.pdbx_description
1 polymer 'Dipeptidyl peptidase 3'
2 non-polymer 'ZINC ION'
3 non-polymer 'MAGNESIUM ION'
4 water water
#
_entity_poly.entity_id   1
_entity_poly.type   'polypeptide(L)'
_entity_poly.pdbx_seq_one_letter_code
;MADTQYILPNDIGVSSLDSREAFRLLSPTERLYAYHLSRAAWYGGLAVLLQTSPEAPYIYALLSRLFRAQDPDQLRQHAL
AEGLTEEEYQAFLVYAAGVYSNMGNYKSFGDTKFVPNLPKEKLERVILGSEAAQQHPEEVRGLWQTCGELMFSLEPRLRH
LGLGKEGITTYFSGNCTMEDAKLAQDFLDSQNLSAYNTRLFKEVDGCGKPYYEVRLASVLGSEPSLDSEVTSKLKSYEFR
GSPFQVTRGDYAPILQKVVEQLEKAKAYAANSHQGQMLAQYIESFTQGSIEAHKRGSRFWIQDKGPIVESYIGFIESYRD
PFGSRGEFEGFVAVVNKAMSAKFERLVASAEQLLKELPWPPTFEKDKFLTPDFTSLDVLTFAGSGIPAGINIPNYDDLRQ
TEGFKNVSLGNVLAVAYATQREKLTFLEEDDKDLYILWKGPSFDVQVGLHALLGHGSGKLFVQDEKGAFNFDQETVINPE
TGEQIQSWYRCGETWDSKFSTIASSYEECRAESVGLYLSLHPQVLEIFGFEGADAEDVIYVNWLNMVRAGLLALEFYTPE
AFNWRQAHMQARFVILRVLLEAGEGLVTITPTTGSDGRPDARVRLDRSKIRSVGKPALERFLRRLQVLKSTGDVAGGRAL
YEGYATVTDAPPESFLTLRDTVLLRKESRKLIVQPNTRLEGSDVQLLEYEASAAGLIRSFSERFPEDGPELEEILTQLAT
ADARFW
;
_entity_poly.pdbx_strand_id   A
#
loop_
_chem_comp.id
_chem_comp.type
_chem_comp.name
_chem_comp.formula
MG non-polymer 'MAGNESIUM ION' 'Mg 2'
ZN non-polymer 'ZINC ION' 'Zn 2'
#
# COMPACT_ATOMS: atom_id res chain seq x y z
N ASP A 3 26.19 0.74 -2.24
CA ASP A 3 25.76 0.22 -3.54
C ASP A 3 24.85 -0.99 -3.38
N THR A 4 24.82 -1.55 -2.17
CA THR A 4 23.92 -2.66 -1.86
C THR A 4 22.48 -2.17 -1.92
N GLN A 5 22.28 -0.90 -1.58
CA GLN A 5 21.00 -0.25 -1.77
C GLN A 5 20.76 -0.06 -3.26
N TYR A 6 19.51 0.13 -3.65
CA TYR A 6 19.12 0.28 -5.05
C TYR A 6 19.48 -0.97 -5.87
N ILE A 7 19.56 -2.11 -5.18
CA ILE A 7 19.94 -3.37 -5.82
C ILE A 7 19.20 -4.54 -5.18
N LEU A 8 18.55 -5.35 -6.00
CA LEU A 8 17.91 -6.56 -5.51
C LEU A 8 18.91 -7.71 -5.54
N PRO A 9 19.21 -8.30 -4.37
CA PRO A 9 20.16 -9.40 -4.24
C PRO A 9 19.73 -10.62 -5.04
N ASN A 10 20.69 -11.31 -5.65
CA ASN A 10 20.41 -12.50 -6.45
C ASN A 10 19.62 -13.55 -5.68
N ASP A 11 20.07 -13.82 -4.46
CA ASP A 11 19.44 -14.86 -3.64
C ASP A 11 18.29 -14.31 -2.81
N ILE A 12 17.60 -13.30 -3.33
CA ILE A 12 16.41 -12.78 -2.69
C ILE A 12 15.33 -13.87 -2.63
N GLY A 13 14.65 -13.96 -1.49
CA GLY A 13 13.66 -14.99 -1.28
C GLY A 13 12.43 -14.85 -2.16
N VAL A 14 11.90 -15.98 -2.63
CA VAL A 14 10.68 -15.98 -3.41
C VAL A 14 9.73 -17.07 -2.91
N SER A 15 8.47 -16.70 -2.72
CA SER A 15 7.46 -17.67 -2.26
C SER A 15 6.21 -17.59 -3.12
N SER A 16 5.44 -18.68 -3.13
CA SER A 16 4.18 -18.72 -3.86
C SER A 16 2.99 -18.75 -2.90
N LEU A 17 1.81 -18.42 -3.40
CA LEU A 17 0.61 -18.41 -2.58
C LEU A 17 -0.10 -19.76 -2.58
N ASP A 18 -0.38 -20.28 -1.39
CA ASP A 18 -1.18 -21.48 -1.24
C ASP A 18 -2.66 -21.15 -1.46
N SER A 19 -3.11 -21.27 -2.72
CA SER A 19 -4.48 -20.96 -3.06
C SER A 19 -5.12 -22.09 -3.85
N ARG A 20 -4.40 -23.21 -3.96
CA ARG A 20 -4.88 -24.37 -4.70
C ARG A 20 -6.14 -24.95 -4.07
N GLU A 21 -6.13 -25.11 -2.76
CA GLU A 21 -7.26 -25.73 -2.07
C GLU A 21 -8.46 -24.79 -1.98
N ALA A 22 -8.19 -23.51 -1.75
CA ALA A 22 -9.25 -22.52 -1.66
C ALA A 22 -10.01 -22.39 -2.98
N PHE A 23 -9.26 -22.49 -4.08
CA PHE A 23 -9.85 -22.39 -5.42
C PHE A 23 -10.70 -23.60 -5.76
N ARG A 24 -10.33 -24.76 -5.20
CA ARG A 24 -11.03 -26.00 -5.51
C ARG A 24 -12.41 -26.06 -4.87
N LEU A 25 -12.60 -25.26 -3.83
CA LEU A 25 -13.88 -25.23 -3.10
C LEU A 25 -14.97 -24.52 -3.90
N LEU A 26 -14.55 -23.66 -4.82
CA LEU A 26 -15.49 -22.83 -5.57
C LEU A 26 -16.37 -23.64 -6.52
N SER A 27 -17.56 -23.11 -6.79
CA SER A 27 -18.47 -23.72 -7.75
C SER A 27 -18.17 -23.19 -9.16
N PRO A 28 -18.53 -23.95 -10.20
CA PRO A 28 -18.30 -23.58 -11.60
C PRO A 28 -18.70 -22.14 -11.98
N THR A 29 -19.67 -21.56 -11.27
CA THR A 29 -20.07 -20.19 -11.55
C THR A 29 -19.16 -19.20 -10.82
N GLU A 30 -18.91 -19.45 -9.55
CA GLU A 30 -18.04 -18.58 -8.74
C GLU A 30 -16.64 -18.48 -9.33
N ARG A 31 -16.21 -19.53 -10.04
CA ARG A 31 -14.90 -19.53 -10.67
C ARG A 31 -14.89 -18.57 -11.86
N LEU A 32 -15.99 -18.56 -12.61
CA LEU A 32 -16.15 -17.61 -13.71
C LEU A 32 -16.31 -16.19 -13.16
N TYR A 33 -16.82 -16.09 -11.94
CA TYR A 33 -16.93 -14.81 -11.26
C TYR A 33 -15.54 -14.32 -10.83
N ALA A 34 -14.72 -15.25 -10.34
CA ALA A 34 -13.38 -14.93 -9.89
C ALA A 34 -12.43 -14.74 -11.06
N TYR A 35 -12.75 -15.36 -12.18
CA TYR A 35 -11.90 -15.30 -13.37
C TYR A 35 -11.83 -13.89 -13.95
N HIS A 36 -13.00 -13.33 -14.26
CA HIS A 36 -13.09 -12.03 -14.90
C HIS A 36 -12.68 -10.90 -13.96
N LEU A 37 -13.03 -11.04 -12.68
CA LEU A 37 -12.62 -10.07 -11.68
C LEU A 37 -11.09 -10.01 -11.58
N SER A 38 -10.46 -11.19 -11.61
CA SER A 38 -9.00 -11.28 -11.55
C SER A 38 -8.37 -10.64 -12.78
N ARG A 39 -8.97 -10.89 -13.94
CA ARG A 39 -8.49 -10.31 -15.19
C ARG A 39 -8.58 -8.79 -15.16
N ALA A 40 -9.72 -8.28 -14.67
CA ALA A 40 -9.93 -6.85 -14.56
C ALA A 40 -8.85 -6.23 -13.67
N ALA A 41 -8.58 -6.90 -12.56
CA ALA A 41 -7.58 -6.43 -11.60
C ALA A 41 -6.19 -6.34 -12.24
N TRP A 42 -5.81 -7.39 -12.97
CA TRP A 42 -4.49 -7.44 -13.58
C TRP A 42 -4.34 -6.39 -14.68
N TYR A 43 -5.42 -6.11 -15.39
CA TYR A 43 -5.42 -5.05 -16.39
C TYR A 43 -5.19 -3.71 -15.72
N GLY A 44 -5.96 -3.44 -14.67
CA GLY A 44 -5.85 -2.19 -13.93
C GLY A 44 -4.54 -2.06 -13.19
N GLY A 45 -3.91 -3.20 -12.90
CA GLY A 45 -2.64 -3.22 -12.21
C GLY A 45 -1.51 -2.58 -13.01
N LEU A 46 -1.64 -2.62 -14.34
CA LEU A 46 -0.63 -2.04 -15.21
C LEU A 46 -0.59 -0.52 -15.08
N ALA A 47 -1.69 0.06 -14.59
CA ALA A 47 -1.77 1.50 -14.40
C ALA A 47 -0.73 1.98 -13.39
N VAL A 48 -0.37 1.10 -12.46
CA VAL A 48 0.64 1.39 -11.46
C VAL A 48 1.97 1.77 -12.13
N LEU A 49 2.26 1.15 -13.26
CA LEU A 49 3.45 1.49 -14.05
C LEU A 49 3.46 2.98 -14.36
N LEU A 50 2.32 3.50 -14.77
CA LEU A 50 2.19 4.92 -15.09
C LEU A 50 2.17 5.78 -13.82
N GLN A 51 1.92 5.14 -12.69
CA GLN A 51 1.86 5.85 -11.41
C GLN A 51 3.16 5.74 -10.61
N THR A 52 4.16 5.09 -11.20
CA THR A 52 5.44 4.88 -10.52
C THR A 52 6.52 5.81 -11.09
N SER A 53 7.06 5.46 -12.24
CA SER A 53 8.16 6.22 -12.83
C SER A 53 7.90 6.47 -14.32
N PRO A 54 8.58 7.49 -14.88
CA PRO A 54 8.42 7.79 -16.31
C PRO A 54 8.85 6.66 -17.24
N GLU A 55 9.81 5.85 -16.80
CA GLU A 55 10.38 4.81 -17.65
C GLU A 55 9.77 3.44 -17.37
N ALA A 56 9.01 3.32 -16.29
CA ALA A 56 8.40 2.05 -15.89
C ALA A 56 7.52 1.40 -16.96
N PRO A 57 6.71 2.19 -17.69
CA PRO A 57 5.95 1.52 -18.77
C PRO A 57 6.85 0.93 -19.85
N TYR A 58 7.89 1.67 -20.22
CA TYR A 58 8.85 1.21 -21.22
C TYR A 58 9.56 -0.05 -20.76
N ILE A 59 10.00 -0.05 -19.50
CA ILE A 59 10.73 -1.18 -18.95
C ILE A 59 9.87 -2.45 -18.90
N TYR A 60 8.62 -2.31 -18.44
CA TYR A 60 7.71 -3.45 -18.44
C TYR A 60 7.49 -3.99 -19.85
N ALA A 61 7.24 -3.07 -20.80
CA ALA A 61 6.95 -3.46 -22.17
C ALA A 61 8.15 -4.16 -22.81
N LEU A 62 9.34 -3.69 -22.48
CA LEU A 62 10.57 -4.25 -23.03
C LEU A 62 10.80 -5.67 -22.54
N LEU A 63 10.56 -5.89 -21.25
CA LEU A 63 10.73 -7.20 -20.64
C LEU A 63 9.62 -8.14 -21.09
N SER A 64 8.42 -7.60 -21.23
CA SER A 64 7.27 -8.39 -21.63
C SER A 64 7.45 -8.95 -23.05
N ARG A 65 8.19 -8.21 -23.87
CA ARG A 65 8.47 -8.67 -25.23
C ARG A 65 9.56 -9.74 -25.24
N LEU A 66 10.53 -9.60 -24.33
CA LEU A 66 11.62 -10.56 -24.20
C LEU A 66 11.10 -11.94 -23.84
N PHE A 67 10.44 -12.03 -22.69
CA PHE A 67 10.04 -13.31 -22.14
C PHE A 67 8.82 -13.90 -22.83
N ARG A 68 8.25 -13.14 -23.76
CA ARG A 68 7.17 -13.63 -24.62
C ARG A 68 7.76 -14.52 -25.71
N ALA A 69 8.84 -14.06 -26.31
CA ALA A 69 9.55 -14.83 -27.33
C ALA A 69 10.38 -15.93 -26.70
N GLN A 70 11.24 -15.56 -25.76
CA GLN A 70 12.13 -16.51 -25.11
C GLN A 70 11.87 -16.59 -23.61
N ASP A 71 11.44 -17.76 -23.14
CA ASP A 71 11.28 -18.00 -21.71
C ASP A 71 12.63 -17.86 -21.01
N PRO A 72 12.63 -17.71 -19.66
CA PRO A 72 13.87 -17.56 -18.90
C PRO A 72 14.97 -18.60 -19.20
N ASP A 73 14.58 -19.80 -19.62
CA ASP A 73 15.57 -20.82 -19.94
C ASP A 73 16.10 -20.68 -21.36
N GLN A 74 15.25 -20.22 -22.26
CA GLN A 74 15.68 -19.96 -23.64
C GLN A 74 16.58 -18.74 -23.70
N LEU A 75 16.27 -17.75 -22.87
CA LEU A 75 17.07 -16.53 -22.82
C LEU A 75 18.44 -16.82 -22.22
N ARG A 76 18.48 -17.76 -21.28
CA ARG A 76 19.71 -18.15 -20.59
C ARG A 76 20.78 -18.61 -21.56
N GLN A 77 20.39 -19.47 -22.49
CA GLN A 77 21.30 -19.99 -23.51
C GLN A 77 21.86 -18.85 -24.36
N HIS A 78 21.02 -17.86 -24.61
CA HIS A 78 21.41 -16.71 -25.42
C HIS A 78 22.32 -15.76 -24.65
N ALA A 79 21.94 -15.48 -23.39
CA ALA A 79 22.71 -14.56 -22.55
C ALA A 79 24.12 -15.07 -22.28
N LEU A 80 24.23 -16.36 -21.98
CA LEU A 80 25.53 -16.96 -21.64
C LEU A 80 26.42 -17.08 -22.87
N ALA A 81 25.79 -17.15 -24.05
CA ALA A 81 26.53 -17.19 -25.31
C ALA A 81 27.08 -15.81 -25.66
N GLU A 82 26.51 -14.78 -25.04
CA GLU A 82 26.92 -13.40 -25.30
C GLU A 82 28.01 -12.92 -24.33
N GLY A 83 28.32 -13.72 -23.32
CA GLY A 83 29.41 -13.40 -22.42
C GLY A 83 29.00 -13.05 -21.00
N LEU A 84 27.74 -13.30 -20.67
CA LEU A 84 27.25 -13.08 -19.31
C LEU A 84 27.45 -14.34 -18.47
N THR A 85 28.03 -14.17 -17.28
CA THR A 85 28.15 -15.27 -16.35
C THR A 85 26.77 -15.59 -15.79
N GLU A 86 26.61 -16.81 -15.28
CA GLU A 86 25.34 -17.25 -14.70
C GLU A 86 24.90 -16.30 -13.57
N GLU A 87 25.89 -15.77 -12.86
CA GLU A 87 25.62 -14.81 -11.79
C GLU A 87 25.03 -13.51 -12.35
N GLU A 88 25.55 -13.05 -13.47
CA GLU A 88 25.05 -11.83 -14.10
C GLU A 88 23.68 -12.02 -14.73
N TYR A 89 23.39 -13.24 -15.20
CA TYR A 89 22.09 -13.51 -15.79
C TYR A 89 21.00 -13.57 -14.73
N GLN A 90 21.32 -14.19 -13.60
CA GLN A 90 20.39 -14.28 -12.48
C GLN A 90 20.07 -12.88 -11.95
N ALA A 91 21.05 -11.99 -12.03
CA ALA A 91 20.87 -10.60 -11.63
C ALA A 91 19.82 -9.92 -12.49
N PHE A 92 19.72 -10.34 -13.75
CA PHE A 92 18.73 -9.77 -14.66
C PHE A 92 17.34 -10.35 -14.39
N LEU A 93 17.28 -11.65 -14.10
CA LEU A 93 16.02 -12.30 -13.79
C LEU A 93 15.39 -11.71 -12.53
N VAL A 94 16.21 -11.51 -11.50
CA VAL A 94 15.74 -10.93 -10.25
C VAL A 94 15.22 -9.53 -10.48
N TYR A 95 15.93 -8.75 -11.29
CA TYR A 95 15.49 -7.40 -11.62
C TYR A 95 14.13 -7.39 -12.32
N ALA A 96 13.98 -8.24 -13.33
CA ALA A 96 12.72 -8.34 -14.05
C ALA A 96 11.60 -8.75 -13.10
N ALA A 97 11.89 -9.74 -12.26
CA ALA A 97 10.91 -10.19 -11.28
C ALA A 97 10.61 -9.06 -10.28
N GLY A 98 11.58 -8.18 -10.08
CA GLY A 98 11.39 -7.02 -9.23
C GLY A 98 10.44 -6.01 -9.86
N VAL A 99 10.72 -5.66 -11.10
CA VAL A 99 9.89 -4.70 -11.85
C VAL A 99 8.47 -5.22 -12.01
N TYR A 100 8.32 -6.53 -12.16
CA TYR A 100 7.00 -7.13 -12.27
C TYR A 100 6.23 -7.02 -10.95
N SER A 101 6.83 -7.51 -9.86
CA SER A 101 6.14 -7.62 -8.58
C SER A 101 5.86 -6.27 -7.93
N ASN A 102 6.43 -5.21 -8.47
CA ASN A 102 6.20 -3.86 -7.97
C ASN A 102 5.47 -2.99 -8.98
N MET A 103 5.37 -3.49 -10.21
CA MET A 103 4.82 -2.73 -11.33
C MET A 103 5.57 -1.41 -11.48
N GLY A 104 6.88 -1.50 -11.50
CA GLY A 104 7.74 -0.34 -11.62
C GLY A 104 9.14 -0.65 -11.13
N ASN A 105 10.09 0.24 -11.41
CA ASN A 105 11.46 0.03 -10.96
C ASN A 105 11.74 0.74 -9.64
N TYR A 106 10.70 0.89 -8.82
CA TYR A 106 10.83 1.44 -7.48
C TYR A 106 10.12 0.52 -6.50
N LYS A 107 10.77 0.23 -5.37
CA LYS A 107 10.19 -0.67 -4.37
C LYS A 107 8.94 -0.06 -3.75
N SER A 108 7.85 -0.81 -3.75
CA SER A 108 6.59 -0.34 -3.18
C SER A 108 6.71 -0.16 -1.66
N PHE A 109 7.57 -0.96 -1.04
CA PHE A 109 7.84 -0.87 0.39
C PHE A 109 9.20 -0.24 0.61
N GLY A 110 9.26 1.08 0.56
CA GLY A 110 10.52 1.81 0.68
C GLY A 110 10.64 2.96 -0.29
N ASP A 111 9.81 2.95 -1.34
CA ASP A 111 9.81 3.99 -2.38
C ASP A 111 11.23 4.28 -2.91
N THR A 112 12.03 3.22 -3.02
CA THR A 112 13.42 3.31 -3.45
C THR A 112 13.64 2.72 -4.83
N LYS A 113 14.42 3.41 -5.66
CA LYS A 113 14.78 2.89 -6.98
C LYS A 113 15.65 1.65 -6.85
N PHE A 114 15.49 0.71 -7.78
CA PHE A 114 16.45 -0.39 -7.90
C PHE A 114 16.82 -0.59 -9.36
N VAL A 115 18.08 -0.94 -9.60
CA VAL A 115 18.61 -1.08 -10.94
C VAL A 115 19.14 -2.51 -11.15
N PRO A 116 19.33 -2.92 -12.42
CA PRO A 116 19.90 -4.26 -12.63
C PRO A 116 21.32 -4.37 -12.09
N ASN A 117 21.67 -5.52 -11.55
CA ASN A 117 23.00 -5.73 -10.98
C ASN A 117 23.98 -6.33 -11.98
N LEU A 118 24.25 -5.59 -13.05
CA LEU A 118 25.14 -6.06 -14.11
C LEU A 118 25.51 -4.91 -15.03
N PRO A 119 26.64 -5.02 -15.75
CA PRO A 119 27.09 -3.98 -16.67
C PRO A 119 26.03 -3.61 -17.72
N LYS A 120 25.86 -2.32 -17.99
CA LYS A 120 24.85 -1.84 -18.91
C LYS A 120 25.04 -2.41 -20.32
N GLU A 121 26.30 -2.49 -20.76
CA GLU A 121 26.60 -2.92 -22.12
C GLU A 121 26.34 -4.41 -22.32
N LYS A 122 26.46 -5.19 -21.24
CA LYS A 122 26.21 -6.62 -21.33
C LYS A 122 24.73 -6.91 -21.50
N LEU A 123 23.89 -6.11 -20.87
CA LEU A 123 22.44 -6.26 -21.03
C LEU A 123 22.01 -5.78 -22.41
N GLU A 124 22.70 -4.76 -22.93
CA GLU A 124 22.41 -4.25 -24.26
C GLU A 124 22.58 -5.36 -25.31
N ARG A 125 23.63 -6.16 -25.14
CA ARG A 125 23.91 -7.24 -26.07
C ARG A 125 22.86 -8.33 -26.00
N VAL A 126 22.33 -8.59 -24.80
CA VAL A 126 21.30 -9.60 -24.62
C VAL A 126 19.98 -9.16 -25.25
N ILE A 127 19.60 -7.91 -25.03
CA ILE A 127 18.33 -7.40 -25.52
C ILE A 127 18.36 -7.17 -27.03
N LEU A 128 19.41 -6.52 -27.52
CA LEU A 128 19.50 -6.20 -28.94
C LEU A 128 19.79 -7.43 -29.79
N GLY A 129 20.23 -8.51 -29.15
CA GLY A 129 20.53 -9.74 -29.86
C GLY A 129 19.51 -10.85 -29.62
N SER A 130 18.39 -10.50 -28.99
CA SER A 130 17.39 -11.48 -28.61
C SER A 130 16.48 -11.88 -29.77
N GLU A 131 15.56 -12.80 -29.50
CA GLU A 131 14.63 -13.27 -30.50
C GLU A 131 13.57 -12.20 -30.80
N ALA A 132 13.13 -11.49 -29.76
CA ALA A 132 12.15 -10.43 -29.93
C ALA A 132 12.74 -9.26 -30.71
N ALA A 133 14.07 -9.18 -30.73
CA ALA A 133 14.77 -8.11 -31.42
C ALA A 133 14.93 -8.42 -32.91
N GLN A 134 14.65 -9.66 -33.30
CA GLN A 134 14.76 -10.06 -34.69
C GLN A 134 13.39 -10.15 -35.36
N GLN A 135 12.34 -10.09 -34.54
CA GLN A 135 10.98 -10.08 -35.06
C GLN A 135 10.46 -8.65 -35.19
N HIS A 136 10.70 -7.85 -34.16
CA HIS A 136 10.30 -6.45 -34.18
C HIS A 136 11.46 -5.54 -33.77
N PRO A 137 12.50 -5.46 -34.62
CA PRO A 137 13.72 -4.71 -34.31
C PRO A 137 13.47 -3.22 -34.10
N GLU A 138 12.48 -2.69 -34.81
CA GLU A 138 12.13 -1.28 -34.70
C GLU A 138 11.58 -0.96 -33.31
N GLU A 139 10.79 -1.87 -32.77
CA GLU A 139 10.15 -1.66 -31.47
C GLU A 139 11.11 -1.89 -30.31
N VAL A 140 12.00 -2.88 -30.47
CA VAL A 140 12.95 -3.23 -29.41
C VAL A 140 14.04 -2.17 -29.27
N ARG A 141 14.68 -1.82 -30.38
CA ARG A 141 15.77 -0.84 -30.34
C ARG A 141 15.27 0.52 -29.87
N GLY A 142 14.04 0.86 -30.23
CA GLY A 142 13.42 2.08 -29.77
C GLY A 142 13.28 2.11 -28.26
N LEU A 143 12.71 1.03 -27.72
CA LEU A 143 12.53 0.88 -26.28
C LEU A 143 13.86 0.99 -25.53
N TRP A 144 14.91 0.39 -26.09
CA TRP A 144 16.21 0.39 -25.44
C TRP A 144 16.89 1.76 -25.45
N GLN A 145 16.60 2.57 -26.46
CA GLN A 145 17.18 3.90 -26.54
C GLN A 145 16.42 4.88 -25.66
N THR A 146 15.21 4.49 -25.28
CA THR A 146 14.34 5.35 -24.50
C THR A 146 14.55 5.18 -22.99
N CYS A 147 14.57 3.94 -22.53
CA CYS A 147 14.70 3.65 -21.10
C CYS A 147 16.06 3.08 -20.74
N GLY A 148 16.97 3.04 -21.71
CA GLY A 148 18.28 2.45 -21.50
C GLY A 148 19.08 3.06 -20.38
N GLU A 149 19.29 4.37 -20.45
CA GLU A 149 20.06 5.07 -19.42
C GLU A 149 19.31 5.11 -18.10
N LEU A 150 18.01 5.39 -18.16
CA LEU A 150 17.17 5.54 -16.97
C LEU A 150 17.08 4.24 -16.17
N MET A 151 17.26 3.12 -16.85
CA MET A 151 17.21 1.82 -16.21
C MET A 151 18.34 1.63 -15.21
N PHE A 152 19.47 2.29 -15.48
CA PHE A 152 20.66 2.14 -14.65
C PHE A 152 21.05 3.40 -13.89
N SER A 153 20.56 4.55 -14.33
CA SER A 153 20.96 5.83 -13.75
C SER A 153 20.61 5.95 -12.27
N LEU A 154 21.62 6.09 -11.43
CA LEU A 154 21.40 6.23 -9.99
C LEU A 154 21.76 7.62 -9.49
N GLU A 155 21.35 8.64 -10.24
CA GLU A 155 21.54 10.03 -9.83
C GLU A 155 20.72 10.30 -8.57
N PRO A 156 21.26 11.15 -7.67
CA PRO A 156 20.63 11.47 -6.39
C PRO A 156 19.16 11.89 -6.51
N ARG A 157 18.80 12.53 -7.62
CA ARG A 157 17.42 12.98 -7.81
C ARG A 157 16.50 11.83 -8.20
N LEU A 158 17.08 10.73 -8.66
CA LEU A 158 16.28 9.60 -9.14
C LEU A 158 16.12 8.48 -8.11
N ARG A 159 16.92 8.52 -7.05
CA ARG A 159 16.97 7.41 -6.10
C ARG A 159 15.68 7.21 -5.30
N HIS A 160 14.97 8.29 -5.02
CA HIS A 160 13.76 8.19 -4.22
C HIS A 160 12.55 8.80 -4.92
N LEU A 161 11.36 8.34 -4.52
CA LEU A 161 10.13 8.99 -4.95
C LEU A 161 9.88 10.25 -4.12
N GLY A 162 9.48 11.33 -4.78
CA GLY A 162 9.19 12.56 -4.08
C GLY A 162 8.99 13.77 -4.98
N LEU A 163 8.47 14.84 -4.38
CA LEU A 163 8.21 16.08 -5.11
C LEU A 163 9.43 16.99 -5.15
N GLY A 164 9.45 17.89 -6.12
CA GLY A 164 10.55 18.80 -6.29
C GLY A 164 11.67 18.20 -7.11
N LYS A 165 12.78 18.93 -7.24
CA LYS A 165 13.91 18.48 -8.04
C LYS A 165 14.62 17.29 -7.39
N GLU A 166 14.37 17.08 -6.11
CA GLU A 166 15.11 16.09 -5.34
C GLU A 166 14.57 14.66 -5.49
N GLY A 167 13.40 14.53 -6.09
CA GLY A 167 12.77 13.22 -6.22
C GLY A 167 12.13 12.95 -7.56
N ILE A 168 11.38 11.85 -7.62
CA ILE A 168 10.69 11.44 -8.83
C ILE A 168 9.28 11.00 -8.48
N THR A 169 8.29 11.47 -9.24
CA THR A 169 6.92 11.03 -9.07
C THR A 169 6.14 11.30 -10.35
N THR A 170 5.18 10.45 -10.66
CA THR A 170 4.38 10.63 -11.87
C THR A 170 2.93 11.00 -11.53
N TYR A 171 2.66 11.18 -10.24
CA TYR A 171 1.39 11.76 -9.81
C TYR A 171 1.39 13.25 -10.13
N PHE A 172 2.60 13.79 -10.33
CA PHE A 172 2.78 15.19 -10.65
C PHE A 172 3.75 15.35 -11.81
N SER A 173 3.89 16.57 -12.33
CA SER A 173 4.88 16.84 -13.35
C SER A 173 6.24 17.10 -12.68
N GLY A 174 7.30 17.05 -13.47
CA GLY A 174 8.65 17.16 -12.94
C GLY A 174 8.95 18.48 -12.24
N ASN A 175 8.32 19.55 -12.72
CA ASN A 175 8.58 20.89 -12.18
C ASN A 175 7.73 21.22 -10.96
N CYS A 176 6.91 20.27 -10.52
CA CYS A 176 6.03 20.48 -9.38
C CYS A 176 6.76 20.40 -8.03
N THR A 177 6.26 21.17 -7.07
CA THR A 177 6.77 21.12 -5.71
C THR A 177 5.62 20.92 -4.73
N MET A 178 5.94 20.88 -3.44
CA MET A 178 4.95 20.68 -2.40
C MET A 178 3.90 21.78 -2.39
N GLU A 179 4.32 22.99 -2.75
CA GLU A 179 3.43 24.15 -2.77
C GLU A 179 2.33 24.00 -3.82
N ASP A 180 2.70 23.44 -4.97
CA ASP A 180 1.75 23.23 -6.06
C ASP A 180 0.71 22.18 -5.67
N ALA A 181 1.12 21.23 -4.84
CA ALA A 181 0.24 20.16 -4.40
C ALA A 181 -0.77 20.66 -3.38
N LYS A 182 -0.31 21.54 -2.48
CA LYS A 182 -1.19 22.09 -1.46
C LYS A 182 -2.22 23.01 -2.10
N LEU A 183 -1.77 23.82 -3.05
CA LEU A 183 -2.65 24.71 -3.79
C LEU A 183 -3.73 23.93 -4.53
N ALA A 184 -3.32 22.83 -5.16
CA ALA A 184 -4.25 21.99 -5.91
C ALA A 184 -5.22 21.28 -4.99
N GLN A 185 -4.76 20.99 -3.77
CA GLN A 185 -5.59 20.27 -2.80
C GLN A 185 -6.74 21.14 -2.33
N ASP A 186 -6.46 22.41 -2.06
CA ASP A 186 -7.49 23.36 -1.64
C ASP A 186 -8.47 23.62 -2.78
N PHE A 187 -7.99 23.55 -4.01
CA PHE A 187 -8.84 23.68 -5.18
C PHE A 187 -9.82 22.52 -5.27
N LEU A 188 -9.36 21.33 -4.88
CA LEU A 188 -10.18 20.12 -4.96
C LEU A 188 -11.21 20.07 -3.83
N ASP A 189 -10.82 20.52 -2.65
CA ASP A 189 -11.74 20.56 -1.51
C ASP A 189 -12.85 21.57 -1.75
N SER A 190 -12.52 22.66 -2.44
CA SER A 190 -13.47 23.73 -2.68
C SER A 190 -14.47 23.36 -3.78
N GLN A 191 -14.06 22.47 -4.67
CA GLN A 191 -14.95 22.00 -5.74
C GLN A 191 -15.63 20.69 -5.35
N ASN A 192 -15.34 20.23 -4.14
CA ASN A 192 -15.83 18.93 -3.65
C ASN A 192 -15.50 17.80 -4.61
N LEU A 193 -14.35 17.90 -5.25
CA LEU A 193 -13.91 16.89 -6.21
C LEU A 193 -12.77 16.08 -5.62
N SER A 194 -13.01 14.78 -5.46
CA SER A 194 -12.03 13.90 -4.81
C SER A 194 -10.75 13.76 -5.63
N ALA A 195 -9.64 13.57 -4.93
CA ALA A 195 -8.32 13.48 -5.55
C ALA A 195 -7.88 12.04 -5.77
N TYR A 196 -8.68 11.11 -5.24
CA TYR A 196 -8.34 9.69 -5.25
C TYR A 196 -7.91 9.16 -6.62
N ASN A 197 -8.59 9.61 -7.68
CA ASN A 197 -8.27 9.15 -9.03
C ASN A 197 -7.79 10.27 -9.95
N THR A 198 -7.13 11.27 -9.38
CA THR A 198 -6.67 12.41 -10.15
C THR A 198 -5.16 12.56 -10.14
N ARG A 199 -4.64 13.23 -11.17
CA ARG A 199 -3.23 13.61 -11.20
C ARG A 199 -3.12 15.10 -11.51
N LEU A 200 -1.98 15.70 -11.15
CA LEU A 200 -1.79 17.14 -11.32
C LEU A 200 -0.62 17.45 -12.24
N PHE A 201 -0.87 18.26 -13.25
CA PHE A 201 0.18 18.66 -14.19
C PHE A 201 0.28 20.18 -14.29
N LYS A 202 1.45 20.70 -13.99
CA LYS A 202 1.69 22.14 -14.09
C LYS A 202 2.55 22.44 -15.32
N GLU A 203 1.92 23.05 -16.32
CA GLU A 203 2.63 23.47 -17.54
C GLU A 203 2.69 24.99 -17.61
N VAL A 204 3.57 25.52 -18.45
CA VAL A 204 3.67 26.95 -18.64
C VAL A 204 3.53 27.34 -20.12
N ASP A 205 2.86 28.45 -20.39
CA ASP A 205 2.75 28.94 -21.76
C ASP A 205 4.03 29.66 -22.18
N GLY A 206 3.99 30.35 -23.31
CA GLY A 206 5.13 31.13 -23.75
C GLY A 206 5.42 32.28 -22.80
N CYS A 207 4.44 32.59 -21.97
CA CYS A 207 4.57 33.69 -21.02
C CYS A 207 5.36 33.30 -19.77
N GLY A 208 5.17 32.06 -19.32
CA GLY A 208 5.81 31.61 -18.10
C GLY A 208 4.80 31.47 -16.98
N LYS A 209 3.56 31.85 -17.25
CA LYS A 209 2.49 31.71 -16.28
C LYS A 209 2.03 30.26 -16.20
N PRO A 210 2.17 29.65 -15.01
CA PRO A 210 1.84 28.23 -14.82
C PRO A 210 0.34 27.92 -14.98
N TYR A 211 0.02 26.98 -15.85
CA TYR A 211 -1.35 26.49 -16.01
C TYR A 211 -1.49 25.10 -15.39
N TYR A 212 -2.32 24.99 -14.36
CA TYR A 212 -2.53 23.71 -13.68
C TYR A 212 -3.61 22.86 -14.34
N GLU A 213 -3.33 21.58 -14.53
CA GLU A 213 -4.30 20.65 -15.09
C GLU A 213 -4.58 19.48 -14.15
N VAL A 214 -5.84 19.32 -13.75
CA VAL A 214 -6.25 18.17 -12.97
C VAL A 214 -6.87 17.12 -13.89
N ARG A 215 -6.23 15.97 -14.00
CA ARG A 215 -6.72 14.93 -14.91
C ARG A 215 -7.28 13.74 -14.14
N LEU A 216 -8.59 13.53 -14.24
CA LEU A 216 -9.24 12.38 -13.62
C LEU A 216 -8.99 11.13 -14.45
N ALA A 217 -9.03 9.96 -13.82
CA ALA A 217 -8.79 8.71 -14.52
C ALA A 217 -10.11 8.10 -14.98
N SER A 218 -10.26 7.93 -16.29
CA SER A 218 -11.50 7.43 -16.86
C SER A 218 -11.36 6.92 -18.30
N VAL A 219 -12.27 6.03 -18.69
CA VAL A 219 -12.33 5.52 -20.06
C VAL A 219 -12.64 6.64 -21.05
N LEU A 220 -13.68 7.40 -20.75
CA LEU A 220 -14.12 8.50 -21.60
C LEU A 220 -13.16 9.69 -21.51
N GLY A 221 -13.00 10.39 -22.63
CA GLY A 221 -12.08 11.51 -22.70
C GLY A 221 -12.75 12.87 -22.68
N SER A 222 -12.31 13.75 -23.57
CA SER A 222 -12.81 15.12 -23.63
C SER A 222 -14.21 15.19 -24.23
N GLU A 223 -14.62 14.13 -24.92
CA GLU A 223 -15.94 14.06 -25.53
C GLU A 223 -17.05 14.13 -24.48
N PRO A 224 -18.22 14.66 -24.85
CA PRO A 224 -19.36 14.70 -23.93
C PRO A 224 -20.05 13.35 -23.81
N SER A 225 -20.58 13.05 -22.62
CA SER A 225 -21.28 11.80 -22.38
C SER A 225 -22.66 12.06 -21.80
N LEU A 226 -23.37 10.99 -21.43
CA LEU A 226 -24.70 11.11 -20.85
C LEU A 226 -24.65 11.77 -19.47
N ASP A 227 -23.77 11.26 -18.61
CA ASP A 227 -23.61 11.79 -17.27
C ASP A 227 -23.14 13.24 -17.32
N SER A 228 -23.53 14.02 -16.31
CA SER A 228 -23.14 15.42 -16.24
C SER A 228 -22.58 15.75 -14.85
N GLU A 229 -22.55 14.75 -13.97
CA GLU A 229 -22.00 14.94 -12.64
C GLU A 229 -20.48 15.17 -12.73
N VAL A 230 -19.88 14.66 -13.79
CA VAL A 230 -18.47 14.86 -14.04
C VAL A 230 -18.26 15.83 -15.21
N THR A 231 -19.14 15.73 -16.20
CA THR A 231 -19.05 16.56 -17.39
C THR A 231 -19.20 18.04 -17.08
N SER A 232 -20.04 18.36 -16.09
CA SER A 232 -20.26 19.74 -15.70
C SER A 232 -19.10 20.28 -14.87
N LYS A 233 -18.11 19.44 -14.61
CA LYS A 233 -16.93 19.84 -13.87
C LYS A 233 -15.73 19.97 -14.79
N LEU A 234 -15.84 19.40 -15.99
CA LEU A 234 -14.76 19.45 -16.98
C LEU A 234 -14.68 20.81 -17.64
N LYS A 235 -14.08 21.78 -16.95
CA LYS A 235 -13.96 23.14 -17.47
C LYS A 235 -12.68 23.79 -16.97
N SER A 236 -12.47 25.04 -17.38
CA SER A 236 -11.36 25.83 -16.88
C SER A 236 -11.80 26.63 -15.66
N TYR A 237 -10.86 26.95 -14.78
CA TYR A 237 -11.17 27.67 -13.56
C TYR A 237 -10.20 28.81 -13.32
N GLU A 238 -10.54 29.66 -12.35
CA GLU A 238 -9.67 30.75 -11.92
C GLU A 238 -9.53 30.70 -10.41
N PHE A 239 -8.45 30.09 -9.92
CA PHE A 239 -8.27 29.88 -8.50
C PHE A 239 -7.01 30.59 -7.97
N ARG A 240 -7.22 31.72 -7.30
CA ARG A 240 -6.14 32.50 -6.69
C ARG A 240 -5.08 32.93 -7.71
N GLY A 241 -5.53 33.35 -8.89
CA GLY A 241 -4.64 33.86 -9.92
C GLY A 241 -3.99 32.76 -10.75
N SER A 242 -4.32 31.51 -10.43
CA SER A 242 -3.77 30.37 -11.16
C SER A 242 -4.87 29.61 -11.88
N PRO A 243 -4.77 29.54 -13.22
CA PRO A 243 -5.75 28.82 -14.05
C PRO A 243 -5.74 27.31 -13.79
N PHE A 244 -6.90 26.76 -13.48
CA PHE A 244 -7.03 25.32 -13.27
C PHE A 244 -7.90 24.68 -14.33
N GLN A 245 -7.46 23.55 -14.86
CA GLN A 245 -8.26 22.82 -15.82
C GLN A 245 -8.51 21.40 -15.34
N VAL A 246 -9.77 20.99 -15.36
CA VAL A 246 -10.13 19.64 -14.95
C VAL A 246 -10.44 18.79 -16.18
N THR A 247 -9.58 17.81 -16.43
CA THR A 247 -9.73 16.94 -17.59
C THR A 247 -9.90 15.49 -17.14
N ARG A 248 -10.10 14.60 -18.10
CA ARG A 248 -10.15 13.18 -17.79
C ARG A 248 -9.59 12.37 -18.96
N GLY A 249 -9.79 11.06 -18.92
CA GLY A 249 -9.30 10.19 -19.98
C GLY A 249 -7.97 9.56 -19.64
N ASP A 250 -7.56 9.67 -18.38
CA ASP A 250 -6.31 9.09 -17.92
C ASP A 250 -6.43 7.56 -17.87
N TYR A 251 -5.41 6.87 -18.36
CA TYR A 251 -5.39 5.41 -18.40
C TYR A 251 -6.59 4.85 -19.18
N ALA A 252 -7.06 5.59 -20.17
CA ALA A 252 -8.29 5.24 -20.89
C ALA A 252 -8.25 3.85 -21.54
N PRO A 253 -7.21 3.55 -22.35
CA PRO A 253 -7.23 2.22 -22.98
C PRO A 253 -7.13 1.08 -21.97
N ILE A 254 -6.37 1.30 -20.89
CA ILE A 254 -6.23 0.31 -19.84
C ILE A 254 -7.54 0.10 -19.09
N LEU A 255 -8.15 1.20 -18.64
CA LEU A 255 -9.41 1.14 -17.92
C LEU A 255 -10.53 0.59 -18.79
N GLN A 256 -10.40 0.79 -20.10
CA GLN A 256 -11.34 0.21 -21.06
C GLN A 256 -11.31 -1.30 -20.96
N LYS A 257 -10.11 -1.87 -20.93
CA LYS A 257 -9.94 -3.30 -20.72
C LYS A 257 -10.53 -3.75 -19.38
N VAL A 258 -10.46 -2.87 -18.38
CA VAL A 258 -10.95 -3.20 -17.04
C VAL A 258 -12.47 -3.36 -16.99
N VAL A 259 -13.19 -2.41 -17.57
CA VAL A 259 -14.65 -2.45 -17.55
C VAL A 259 -15.19 -3.58 -18.42
N GLU A 260 -14.44 -3.97 -19.44
CA GLU A 260 -14.80 -5.13 -20.25
C GLU A 260 -14.97 -6.36 -19.38
N GLN A 261 -14.04 -6.56 -18.44
CA GLN A 261 -14.05 -7.72 -17.58
C GLN A 261 -15.01 -7.56 -16.40
N LEU A 262 -15.30 -6.30 -16.05
CA LEU A 262 -16.26 -6.03 -14.99
C LEU A 262 -17.68 -6.35 -15.46
N GLU A 263 -17.97 -6.03 -16.71
CA GLU A 263 -19.25 -6.37 -17.31
C GLU A 263 -19.43 -7.89 -17.38
N LYS A 264 -18.42 -8.58 -17.91
CA LYS A 264 -18.45 -10.03 -18.02
C LYS A 264 -18.59 -10.70 -16.64
N ALA A 265 -18.05 -10.06 -15.62
CA ALA A 265 -18.13 -10.59 -14.25
C ALA A 265 -19.51 -10.35 -13.66
N LYS A 266 -20.21 -9.33 -14.14
CA LYS A 266 -21.53 -9.00 -13.64
C LYS A 266 -22.55 -10.05 -14.06
N ALA A 267 -22.25 -10.72 -15.18
CA ALA A 267 -23.11 -11.80 -15.67
C ALA A 267 -23.14 -12.96 -14.68
N TYR A 268 -21.99 -13.22 -14.06
CA TYR A 268 -21.87 -14.31 -13.10
C TYR A 268 -21.95 -13.81 -11.67
N ALA A 269 -22.52 -12.64 -11.47
CA ALA A 269 -22.64 -12.04 -10.14
C ALA A 269 -23.52 -12.89 -9.23
N ALA A 270 -23.11 -13.04 -7.97
CA ALA A 270 -23.83 -13.86 -7.01
C ALA A 270 -25.22 -13.30 -6.72
N ASN A 271 -25.26 -12.12 -6.11
CA ASN A 271 -26.53 -11.50 -5.77
C ASN A 271 -26.70 -10.12 -6.43
N SER A 272 -27.68 -9.36 -5.97
CA SER A 272 -27.99 -8.07 -6.57
C SER A 272 -26.97 -7.01 -6.20
N HIS A 273 -26.47 -7.07 -4.97
CA HIS A 273 -25.49 -6.09 -4.48
C HIS A 273 -24.18 -6.18 -5.24
N GLN A 274 -23.73 -7.42 -5.51
CA GLN A 274 -22.51 -7.64 -6.27
C GLN A 274 -22.66 -7.13 -7.70
N GLY A 275 -23.88 -7.18 -8.23
CA GLY A 275 -24.16 -6.74 -9.58
C GLY A 275 -24.32 -5.24 -9.68
N GLN A 276 -24.81 -4.63 -8.61
CA GLN A 276 -25.00 -3.18 -8.57
C GLN A 276 -23.69 -2.46 -8.31
N MET A 277 -22.83 -3.07 -7.49
CA MET A 277 -21.55 -2.46 -7.15
C MET A 277 -20.62 -2.47 -8.37
N LEU A 278 -20.75 -3.49 -9.20
CA LEU A 278 -19.95 -3.58 -10.42
C LEU A 278 -20.46 -2.56 -11.43
N ALA A 279 -21.77 -2.36 -11.44
CA ALA A 279 -22.37 -1.35 -12.30
C ALA A 279 -21.84 0.02 -11.95
N GLN A 280 -21.63 0.26 -10.66
CA GLN A 280 -21.12 1.54 -10.19
C GLN A 280 -19.61 1.67 -10.41
N TYR A 281 -18.90 0.55 -10.29
CA TYR A 281 -17.46 0.54 -10.58
C TYR A 281 -17.22 0.86 -12.04
N ILE A 282 -18.09 0.33 -12.90
CA ILE A 282 -18.05 0.63 -14.33
C ILE A 282 -18.32 2.11 -14.55
N GLU A 283 -19.27 2.64 -13.79
CA GLU A 283 -19.59 4.07 -13.83
C GLU A 283 -18.38 4.91 -13.44
N SER A 284 -17.72 4.51 -12.35
CA SER A 284 -16.58 5.25 -11.83
C SER A 284 -15.38 5.23 -12.77
N PHE A 285 -15.20 4.12 -13.47
CA PHE A 285 -14.03 3.97 -14.35
C PHE A 285 -14.31 4.51 -15.75
N THR A 286 -15.57 4.61 -16.11
CA THR A 286 -15.95 5.12 -17.43
C THR A 286 -16.03 6.64 -17.42
N GLN A 287 -16.68 7.18 -16.39
CA GLN A 287 -16.89 8.62 -16.29
C GLN A 287 -15.75 9.33 -15.55
N GLY A 288 -15.29 8.72 -14.47
CA GLY A 288 -14.26 9.32 -13.64
C GLY A 288 -14.84 9.78 -12.32
N SER A 289 -15.99 9.23 -11.96
CA SER A 289 -16.71 9.65 -10.77
C SER A 289 -16.35 8.86 -9.52
N ILE A 290 -15.72 9.52 -8.56
CA ILE A 290 -15.47 8.92 -7.26
C ILE A 290 -16.79 8.68 -6.54
N GLU A 291 -17.77 9.53 -6.84
CA GLU A 291 -19.11 9.38 -6.29
C GLU A 291 -19.73 8.05 -6.73
N ALA A 292 -19.50 7.69 -7.99
CA ALA A 292 -19.95 6.41 -8.50
C ALA A 292 -19.23 5.27 -7.77
N HIS A 293 -17.97 5.51 -7.44
CA HIS A 293 -17.19 4.53 -6.68
C HIS A 293 -17.68 4.46 -5.24
N LYS A 294 -18.02 5.62 -4.67
CA LYS A 294 -18.54 5.68 -3.31
C LYS A 294 -19.87 4.94 -3.19
N ARG A 295 -20.71 5.07 -4.21
CA ARG A 295 -22.00 4.39 -4.23
C ARG A 295 -21.81 2.89 -4.44
N GLY A 296 -20.79 2.53 -5.21
CA GLY A 296 -20.46 1.13 -5.44
C GLY A 296 -19.91 0.50 -4.18
N SER A 297 -19.06 1.24 -3.48
CA SER A 297 -18.50 0.79 -2.21
C SER A 297 -19.60 0.61 -1.18
N ARG A 298 -20.61 1.47 -1.27
CA ARG A 298 -21.77 1.42 -0.36
C ARG A 298 -22.51 0.09 -0.53
N PHE A 299 -22.67 -0.34 -1.78
CA PHE A 299 -23.29 -1.62 -2.09
C PHE A 299 -22.40 -2.77 -1.62
N TRP A 300 -21.09 -2.55 -1.71
CA TRP A 300 -20.11 -3.59 -1.37
C TRP A 300 -20.14 -3.94 0.12
N ILE A 301 -20.39 -2.95 0.96
CA ILE A 301 -20.43 -3.17 2.41
C ILE A 301 -21.70 -3.92 2.80
N GLN A 302 -22.73 -3.82 1.96
CA GLN A 302 -23.99 -4.47 2.22
C GLN A 302 -23.92 -5.98 1.98
N ASP A 303 -23.07 -6.38 1.04
CA ASP A 303 -22.86 -7.80 0.74
C ASP A 303 -21.93 -8.43 1.78
N LYS A 304 -22.50 -8.92 2.87
CA LYS A 304 -21.72 -9.49 3.95
C LYS A 304 -21.53 -11.00 3.82
N GLY A 305 -20.40 -11.49 4.29
CA GLY A 305 -20.03 -12.89 4.21
C GLY A 305 -20.17 -13.53 2.83
N PRO A 306 -19.47 -12.98 1.83
CA PRO A 306 -19.58 -13.56 0.48
C PRO A 306 -18.59 -14.71 0.28
N ILE A 307 -18.81 -15.53 -0.74
CA ILE A 307 -17.88 -16.61 -1.03
C ILE A 307 -16.64 -16.05 -1.73
N VAL A 308 -16.85 -15.22 -2.74
CA VAL A 308 -15.75 -14.59 -3.45
C VAL A 308 -15.71 -13.09 -3.20
N GLU A 309 -14.92 -12.68 -2.21
CA GLU A 309 -14.77 -11.28 -1.86
C GLU A 309 -13.88 -10.56 -2.86
N SER A 310 -14.19 -9.31 -3.16
CA SER A 310 -13.40 -8.53 -4.11
C SER A 310 -13.53 -7.03 -3.88
N TYR A 311 -12.51 -6.30 -4.32
CA TYR A 311 -12.52 -4.85 -4.29
C TYR A 311 -11.54 -4.34 -5.33
N ILE A 312 -11.77 -3.12 -5.83
CA ILE A 312 -10.95 -2.59 -6.92
C ILE A 312 -11.09 -1.08 -7.02
N GLY A 313 -10.05 -0.42 -7.50
CA GLY A 313 -10.08 1.02 -7.72
C GLY A 313 -8.92 1.74 -7.06
N PHE A 314 -8.91 3.06 -7.20
CA PHE A 314 -7.89 3.90 -6.57
C PHE A 314 -8.20 4.05 -5.09
N ILE A 315 -7.58 3.20 -4.27
CA ILE A 315 -7.95 3.10 -2.85
C ILE A 315 -6.95 3.78 -1.92
N GLU A 316 -5.73 3.24 -1.85
CA GLU A 316 -4.73 3.69 -0.88
C GLU A 316 -3.86 4.83 -1.39
N SER A 317 -3.40 5.67 -0.47
CA SER A 317 -2.59 6.84 -0.81
C SER A 317 -1.27 6.88 -0.05
N TYR A 318 -0.48 5.83 -0.18
CA TYR A 318 0.81 5.75 0.49
C TYR A 318 1.92 6.32 -0.39
N ARG A 319 1.82 6.09 -1.68
CA ARG A 319 2.90 6.39 -2.60
C ARG A 319 2.78 7.79 -3.19
N ASP A 320 1.64 8.43 -2.98
CA ASP A 320 1.47 9.84 -3.31
C ASP A 320 2.26 10.66 -2.30
N PRO A 321 3.27 11.41 -2.77
CA PRO A 321 4.12 12.24 -1.90
C PRO A 321 3.31 13.22 -1.05
N PHE A 322 2.18 13.70 -1.59
CA PHE A 322 1.31 14.59 -0.85
C PHE A 322 0.33 13.80 0.03
N GLY A 323 -0.01 12.59 -0.40
CA GLY A 323 -0.78 11.68 0.43
C GLY A 323 -2.29 11.70 0.28
N SER A 324 -2.77 12.06 -0.91
CA SER A 324 -4.21 12.06 -1.15
C SER A 324 -4.59 11.36 -2.45
N ARG A 325 -3.63 11.17 -3.35
CA ARG A 325 -3.91 10.51 -4.63
C ARG A 325 -3.71 9.00 -4.54
N GLY A 326 -4.66 8.26 -5.09
CA GLY A 326 -4.70 6.82 -4.94
C GLY A 326 -3.90 6.01 -5.95
N GLU A 327 -3.32 4.91 -5.47
CA GLU A 327 -2.63 3.96 -6.33
C GLU A 327 -3.61 2.84 -6.70
N PHE A 328 -3.67 2.49 -7.98
CA PHE A 328 -4.64 1.49 -8.42
C PHE A 328 -4.30 0.11 -7.91
N GLU A 329 -5.32 -0.59 -7.42
CA GLU A 329 -5.16 -1.96 -6.95
C GLU A 329 -6.50 -2.69 -7.04
N GLY A 330 -6.48 -3.98 -6.73
CA GLY A 330 -7.68 -4.79 -6.78
C GLY A 330 -7.35 -6.24 -6.49
N PHE A 331 -8.25 -6.93 -5.80
CA PHE A 331 -7.99 -8.31 -5.42
C PHE A 331 -9.22 -9.20 -5.52
N VAL A 332 -8.96 -10.50 -5.73
CA VAL A 332 -9.99 -11.52 -5.70
C VAL A 332 -9.57 -12.60 -4.72
N ALA A 333 -10.43 -12.90 -3.75
CA ALA A 333 -10.08 -13.86 -2.72
C ALA A 333 -11.24 -14.78 -2.37
N VAL A 334 -10.92 -15.98 -1.90
CA VAL A 334 -11.93 -16.93 -1.46
C VAL A 334 -11.98 -16.94 0.06
N VAL A 335 -13.18 -16.83 0.62
CA VAL A 335 -13.34 -16.75 2.07
C VAL A 335 -12.94 -18.06 2.74
N ASN A 336 -12.18 -17.95 3.81
CA ASN A 336 -11.76 -19.10 4.59
C ASN A 336 -12.63 -19.20 5.84
N LYS A 337 -13.76 -19.89 5.72
CA LYS A 337 -14.72 -19.99 6.81
C LYS A 337 -14.14 -20.67 8.06
N ALA A 338 -13.04 -21.38 7.88
CA ALA A 338 -12.38 -22.06 8.99
C ALA A 338 -11.63 -21.08 9.90
N MET A 339 -10.76 -20.28 9.30
CA MET A 339 -9.97 -19.31 10.07
C MET A 339 -10.80 -18.12 10.52
N SER A 340 -11.83 -17.78 9.75
CA SER A 340 -12.63 -16.59 10.02
C SER A 340 -13.52 -16.75 11.25
N ALA A 341 -13.55 -17.96 11.80
CA ALA A 341 -14.34 -18.23 13.00
C ALA A 341 -13.77 -17.50 14.21
N LYS A 342 -12.46 -17.24 14.19
CA LYS A 342 -11.80 -16.57 15.29
C LYS A 342 -12.01 -15.06 15.26
N PHE A 343 -12.39 -14.54 14.11
CA PHE A 343 -12.51 -13.09 13.92
C PHE A 343 -13.94 -12.58 14.17
N GLU A 344 -14.92 -13.44 13.96
CA GLU A 344 -16.32 -13.04 14.13
C GLU A 344 -16.73 -13.06 15.60
N ARG A 345 -16.01 -13.82 16.42
CA ARG A 345 -16.21 -13.79 17.86
C ARG A 345 -15.57 -12.52 18.44
N LEU A 346 -14.61 -11.98 17.71
CA LEU A 346 -13.97 -10.73 18.08
C LEU A 346 -14.90 -9.56 17.80
N VAL A 347 -15.62 -9.65 16.69
CA VAL A 347 -16.63 -8.65 16.33
C VAL A 347 -17.78 -8.70 17.33
N ALA A 348 -18.06 -9.89 17.84
CA ALA A 348 -19.13 -10.09 18.82
C ALA A 348 -18.89 -9.28 20.09
N SER A 349 -17.62 -9.14 20.47
CA SER A 349 -17.27 -8.35 21.65
C SER A 349 -16.49 -7.10 21.26
N ALA A 350 -16.66 -6.66 20.02
CA ALA A 350 -15.94 -5.50 19.51
C ALA A 350 -16.44 -4.20 20.12
N GLU A 351 -17.76 -4.05 20.18
CA GLU A 351 -18.38 -2.86 20.74
C GLU A 351 -17.99 -2.67 22.20
N GLN A 352 -17.80 -3.79 22.90
CA GLN A 352 -17.36 -3.77 24.29
C GLN A 352 -15.94 -3.23 24.42
N LEU A 353 -15.05 -3.68 23.53
CA LEU A 353 -13.65 -3.33 23.61
C LEU A 353 -13.39 -1.87 23.24
N LEU A 354 -14.34 -1.26 22.54
CA LEU A 354 -14.24 0.14 22.17
C LEU A 354 -14.43 1.07 23.38
N LYS A 355 -15.03 0.53 24.43
CA LYS A 355 -15.31 1.32 25.63
C LYS A 355 -14.08 1.47 26.52
N GLU A 356 -13.22 0.46 26.52
CA GLU A 356 -12.04 0.48 27.39
C GLU A 356 -10.87 1.21 26.74
N LEU A 357 -11.11 1.71 25.52
CA LEU A 357 -10.13 2.56 24.85
C LEU A 357 -9.98 3.88 25.62
N PRO A 358 -8.75 4.44 25.62
CA PRO A 358 -8.39 5.61 26.44
C PRO A 358 -9.31 6.83 26.30
N TRP A 359 -9.75 7.14 25.08
CA TRP A 359 -10.54 8.34 24.86
C TRP A 359 -12.01 8.17 25.30
N PRO A 360 -12.59 9.25 25.85
CA PRO A 360 -14.00 9.31 26.27
C PRO A 360 -14.96 8.92 25.15
N PRO A 361 -16.15 8.40 25.51
CA PRO A 361 -17.12 7.89 24.54
C PRO A 361 -17.71 8.98 23.62
N THR A 362 -17.38 10.24 23.87
CA THR A 362 -17.85 11.32 23.02
C THR A 362 -16.96 11.47 21.78
N PHE A 363 -15.82 10.80 21.79
CA PHE A 363 -14.89 10.82 20.68
C PHE A 363 -14.96 9.53 19.85
N GLU A 364 -15.89 8.64 20.22
CA GLU A 364 -16.11 7.41 19.49
C GLU A 364 -17.36 7.58 18.61
N LYS A 365 -17.43 6.82 17.52
CA LYS A 365 -18.59 6.83 16.63
C LYS A 365 -19.87 6.61 17.43
N ASP A 366 -20.83 7.52 17.26
CA ASP A 366 -22.09 7.47 18.01
C ASP A 366 -22.83 6.15 17.78
N LYS A 367 -22.83 5.68 16.54
CA LYS A 367 -23.45 4.41 16.22
C LYS A 367 -22.40 3.38 15.82
N PHE A 368 -22.43 2.22 16.48
CA PHE A 368 -21.54 1.13 16.13
C PHE A 368 -22.26 0.10 15.26
N LEU A 369 -21.95 0.12 13.96
CA LEU A 369 -22.48 -0.88 13.05
C LEU A 369 -21.58 -2.10 13.10
N THR A 370 -22.18 -3.28 12.98
CA THR A 370 -21.43 -4.53 13.02
C THR A 370 -20.59 -4.71 11.76
N PRO A 371 -19.25 -4.63 11.90
CA PRO A 371 -18.35 -4.73 10.75
C PRO A 371 -18.17 -6.18 10.33
N ASP A 372 -18.02 -6.41 9.02
CA ASP A 372 -17.81 -7.76 8.51
C ASP A 372 -16.31 -8.07 8.50
N PHE A 373 -15.91 -9.01 9.35
CA PHE A 373 -14.51 -9.42 9.42
C PHE A 373 -14.37 -10.88 8.97
N THR A 374 -13.67 -11.07 7.85
CA THR A 374 -13.49 -12.41 7.29
C THR A 374 -12.02 -12.66 6.93
N SER A 375 -11.57 -13.89 7.16
CA SER A 375 -10.24 -14.30 6.73
C SER A 375 -10.29 -14.78 5.27
N LEU A 376 -9.43 -14.24 4.42
CA LEU A 376 -9.51 -14.51 3.00
C LEU A 376 -8.26 -15.20 2.45
N ASP A 377 -8.47 -16.10 1.49
CA ASP A 377 -7.38 -16.72 0.76
C ASP A 377 -7.27 -16.10 -0.63
N VAL A 378 -6.22 -15.32 -0.84
CA VAL A 378 -6.05 -14.53 -2.06
C VAL A 378 -5.76 -15.38 -3.30
N LEU A 379 -6.54 -15.17 -4.35
CA LEU A 379 -6.29 -15.78 -5.64
C LEU A 379 -5.52 -14.83 -6.54
N THR A 380 -5.65 -13.54 -6.26
CA THR A 380 -5.04 -12.50 -7.08
C THR A 380 -5.01 -11.17 -6.34
N PHE A 381 -3.85 -10.52 -6.33
CA PHE A 381 -3.73 -9.18 -5.77
C PHE A 381 -2.87 -8.30 -6.66
N ALA A 382 -3.52 -7.58 -7.58
CA ALA A 382 -2.81 -6.72 -8.51
C ALA A 382 -2.38 -5.42 -7.84
N GLY A 383 -1.36 -4.79 -8.39
CA GLY A 383 -0.84 -3.56 -7.81
C GLY A 383 0.63 -3.63 -7.48
N SER A 384 1.06 -2.78 -6.55
CA SER A 384 2.48 -2.63 -6.23
C SER A 384 2.97 -3.66 -5.23
N GLY A 385 2.11 -4.07 -4.30
CA GLY A 385 2.49 -5.05 -3.30
C GLY A 385 1.31 -5.65 -2.57
N ILE A 386 1.59 -6.53 -1.61
CA ILE A 386 0.53 -7.18 -0.86
C ILE A 386 0.66 -6.95 0.63
N PRO A 387 -0.42 -6.47 1.28
CA PRO A 387 -0.47 -6.26 2.73
C PRO A 387 -0.92 -7.51 3.47
N ALA A 388 -0.93 -7.45 4.80
CA ALA A 388 -1.39 -8.57 5.62
C ALA A 388 -2.87 -8.46 5.89
N GLY A 389 -3.33 -7.24 6.14
CA GLY A 389 -4.73 -6.98 6.41
C GLY A 389 -5.14 -5.63 5.86
N ILE A 390 -6.43 -5.46 5.60
CA ILE A 390 -6.93 -4.21 5.04
C ILE A 390 -8.21 -3.74 5.72
N ASN A 391 -8.33 -2.44 5.93
CA ASN A 391 -9.57 -1.82 6.34
C ASN A 391 -10.12 -0.96 5.20
N ILE A 392 -11.30 -1.32 4.70
CA ILE A 392 -11.87 -0.65 3.54
C ILE A 392 -13.38 -0.49 3.66
N PRO A 393 -13.94 0.55 2.99
CA PRO A 393 -13.25 1.55 2.17
C PRO A 393 -12.65 2.68 2.99
N ASN A 394 -11.94 3.59 2.34
CA ASN A 394 -11.30 4.70 3.04
C ASN A 394 -12.16 5.97 3.03
N TYR A 395 -13.38 5.85 2.52
CA TYR A 395 -14.30 6.98 2.52
C TYR A 395 -14.90 7.17 3.91
N ASP A 396 -14.44 8.21 4.61
CA ASP A 396 -14.81 8.45 6.00
C ASP A 396 -16.31 8.61 6.21
N ASP A 397 -17.01 9.20 5.24
CA ASP A 397 -18.44 9.39 5.35
C ASP A 397 -19.17 8.03 5.31
N LEU A 398 -18.60 7.07 4.60
CA LEU A 398 -19.18 5.74 4.51
C LEU A 398 -18.87 4.92 5.77
N ARG A 399 -17.72 5.20 6.37
CA ARG A 399 -17.28 4.49 7.56
C ARG A 399 -18.18 4.74 8.77
N GLN A 400 -18.94 5.82 8.73
CA GLN A 400 -19.84 6.18 9.82
C GLN A 400 -21.29 6.16 9.39
N THR A 401 -21.54 5.73 8.15
CA THR A 401 -22.90 5.65 7.63
C THR A 401 -23.32 4.21 7.35
N GLU A 402 -22.64 3.57 6.41
CA GLU A 402 -22.99 2.21 6.00
C GLU A 402 -22.15 1.19 6.76
N GLY A 403 -20.93 1.58 7.13
CA GLY A 403 -20.03 0.70 7.84
C GLY A 403 -18.73 0.48 7.08
N PHE A 404 -18.12 -0.67 7.30
CA PHE A 404 -16.84 -0.99 6.69
C PHE A 404 -16.56 -2.48 6.79
N LYS A 405 -15.55 -2.95 6.05
CA LYS A 405 -15.17 -4.35 6.08
C LYS A 405 -13.72 -4.55 6.50
N ASN A 406 -13.48 -5.48 7.40
CA ASN A 406 -12.13 -5.86 7.79
C ASN A 406 -11.72 -7.16 7.10
N VAL A 407 -10.48 -7.22 6.67
CA VAL A 407 -9.99 -8.37 5.92
C VAL A 407 -8.59 -8.79 6.35
N SER A 408 -8.45 -10.08 6.69
CA SER A 408 -7.14 -10.65 6.98
C SER A 408 -6.78 -11.69 5.93
N LEU A 409 -5.66 -11.49 5.25
CA LEU A 409 -5.25 -12.36 4.16
C LEU A 409 -4.55 -13.62 4.68
N GLY A 410 -5.29 -14.72 4.73
CA GLY A 410 -4.81 -15.96 5.30
C GLY A 410 -3.53 -16.54 4.72
N ASN A 411 -3.54 -16.82 3.42
CA ASN A 411 -2.39 -17.47 2.78
C ASN A 411 -1.21 -16.53 2.58
N VAL A 412 -1.41 -15.25 2.83
CA VAL A 412 -0.32 -14.28 2.75
C VAL A 412 0.48 -14.30 4.05
N LEU A 413 -0.23 -14.49 5.15
CA LEU A 413 0.40 -14.65 6.46
C LEU A 413 1.24 -15.93 6.50
N ALA A 414 0.82 -16.92 5.71
CA ALA A 414 1.53 -18.20 5.62
C ALA A 414 2.94 -18.02 5.06
N VAL A 415 3.05 -17.18 4.04
CA VAL A 415 4.34 -16.85 3.46
C VAL A 415 5.21 -16.08 4.46
N ALA A 416 4.59 -15.15 5.17
CA ALA A 416 5.27 -14.37 6.20
C ALA A 416 5.77 -15.24 7.35
N TYR A 417 5.02 -16.28 7.68
CA TYR A 417 5.42 -17.23 8.72
C TYR A 417 6.57 -18.11 8.25
N ALA A 418 7.69 -17.48 7.95
CA ALA A 418 8.88 -18.21 7.49
C ALA A 418 10.14 -17.45 7.86
N THR A 419 10.87 -17.96 8.85
CA THR A 419 12.09 -17.31 9.28
C THR A 419 13.06 -18.32 9.91
N GLN A 420 14.35 -18.11 9.65
CA GLN A 420 15.38 -18.97 10.22
C GLN A 420 15.96 -18.29 11.46
N ARG A 421 16.53 -19.07 12.36
CA ARG A 421 17.07 -18.57 13.62
C ARG A 421 18.21 -17.57 13.42
N GLU A 422 19.13 -17.88 12.51
CA GLU A 422 20.29 -17.03 12.28
C GLU A 422 19.93 -15.73 11.58
N LYS A 423 18.79 -15.72 10.89
CA LYS A 423 18.34 -14.53 10.17
C LYS A 423 17.84 -13.45 11.12
N LEU A 424 17.32 -13.88 12.27
CA LEU A 424 16.80 -12.95 13.27
C LEU A 424 17.91 -12.09 13.88
N THR A 425 17.81 -10.78 13.67
CA THR A 425 18.85 -9.86 14.12
C THR A 425 18.36 -8.96 15.27
N PHE A 426 19.33 -8.36 15.96
CA PHE A 426 19.06 -7.40 17.04
C PHE A 426 18.26 -8.04 18.17
N LEU A 427 18.55 -9.30 18.46
CA LEU A 427 17.86 -10.02 19.53
C LEU A 427 18.83 -10.85 20.38
N GLU A 428 18.43 -11.13 21.61
CA GLU A 428 19.18 -12.02 22.48
C GLU A 428 18.79 -13.46 22.19
N GLU A 429 19.69 -14.40 22.47
CA GLU A 429 19.47 -15.81 22.17
C GLU A 429 18.23 -16.38 22.86
N ASP A 430 17.98 -15.92 24.08
CA ASP A 430 16.83 -16.41 24.84
C ASP A 430 15.51 -15.87 24.28
N ASP A 431 15.58 -14.71 23.64
CA ASP A 431 14.40 -14.10 23.03
C ASP A 431 14.04 -14.76 21.70
N LYS A 432 15.05 -15.29 21.01
CA LYS A 432 14.86 -15.88 19.69
C LYS A 432 13.88 -17.06 19.72
N ASP A 433 13.91 -17.83 20.80
CA ASP A 433 13.05 -18.99 20.93
C ASP A 433 11.58 -18.60 21.02
N LEU A 434 11.26 -17.73 21.98
CA LEU A 434 9.90 -17.23 22.14
C LEU A 434 9.42 -16.51 20.89
N TYR A 435 10.36 -15.88 20.19
CA TYR A 435 10.04 -15.15 18.96
C TYR A 435 9.52 -16.08 17.88
N ILE A 436 10.30 -17.11 17.57
CA ILE A 436 9.95 -18.07 16.52
C ILE A 436 8.66 -18.83 16.87
N LEU A 437 8.51 -19.19 18.14
CA LEU A 437 7.37 -19.97 18.58
C LEU A 437 6.04 -19.21 18.50
N TRP A 438 6.08 -17.91 18.77
CA TRP A 438 4.84 -17.16 18.98
C TRP A 438 4.54 -16.02 18.00
N LYS A 439 5.51 -15.65 17.16
CA LYS A 439 5.30 -14.53 16.24
C LYS A 439 4.12 -14.79 15.31
N GLY A 440 3.89 -16.06 14.99
CA GLY A 440 2.76 -16.45 14.17
C GLY A 440 1.42 -16.09 14.78
N PRO A 441 1.08 -16.72 15.92
CA PRO A 441 -0.17 -16.42 16.64
C PRO A 441 -0.27 -14.96 17.08
N SER A 442 0.87 -14.37 17.46
CA SER A 442 0.89 -12.99 17.93
C SER A 442 0.55 -11.99 16.83
N PHE A 443 0.86 -12.36 15.59
CA PHE A 443 0.59 -11.48 14.46
C PHE A 443 -0.90 -11.44 14.17
N ASP A 444 -1.57 -12.59 14.29
CA ASP A 444 -3.01 -12.67 14.13
C ASP A 444 -3.71 -11.81 15.17
N VAL A 445 -3.13 -11.75 16.36
CA VAL A 445 -3.64 -10.91 17.44
C VAL A 445 -3.57 -9.44 17.04
N GLN A 446 -2.41 -9.03 16.55
CA GLN A 446 -2.17 -7.63 16.18
C GLN A 446 -2.98 -7.20 14.97
N VAL A 447 -2.95 -8.02 13.91
CA VAL A 447 -3.66 -7.71 12.68
C VAL A 447 -5.16 -7.55 12.92
N GLY A 448 -5.71 -8.39 13.78
CA GLY A 448 -7.13 -8.34 14.09
C GLY A 448 -7.54 -7.06 14.77
N LEU A 449 -6.73 -6.60 15.72
CA LEU A 449 -7.03 -5.39 16.46
C LEU A 449 -6.65 -4.14 15.66
N HIS A 450 -5.66 -4.30 14.78
CA HIS A 450 -5.20 -3.22 13.91
C HIS A 450 -6.33 -2.70 13.02
N ALA A 451 -7.12 -3.62 12.49
CA ALA A 451 -8.18 -3.25 11.54
C ALA A 451 -9.50 -2.97 12.23
N LEU A 452 -9.96 -3.92 13.04
CA LEU A 452 -11.29 -3.84 13.65
C LEU A 452 -11.41 -2.72 14.69
N LEU A 453 -10.47 -2.67 15.62
CA LEU A 453 -10.54 -1.70 16.71
C LEU A 453 -9.56 -0.53 16.51
N GLY A 454 -8.75 -0.63 15.46
CA GLY A 454 -7.80 0.42 15.15
C GLY A 454 -8.34 1.39 14.11
N HIS A 455 -8.39 0.94 12.86
CA HIS A 455 -8.93 1.77 11.77
C HIS A 455 -10.45 1.93 11.89
N GLY A 456 -11.09 0.95 12.53
CA GLY A 456 -12.54 0.93 12.63
C GLY A 456 -13.10 1.71 13.81
N SER A 457 -12.23 2.43 14.50
CA SER A 457 -12.68 3.27 15.61
C SER A 457 -12.34 4.73 15.33
N GLY A 458 -12.97 5.63 16.09
CA GLY A 458 -12.70 7.05 15.94
C GLY A 458 -13.79 7.80 15.19
N LYS A 459 -14.19 8.95 15.73
CA LYS A 459 -15.21 9.78 15.11
C LYS A 459 -14.62 11.14 14.71
N LEU A 460 -14.92 11.56 13.48
CA LEU A 460 -14.46 12.85 12.99
C LEU A 460 -15.53 13.91 13.19
N PHE A 461 -15.11 15.09 13.64
CA PHE A 461 -16.03 16.21 13.88
C PHE A 461 -16.28 17.02 12.60
N VAL A 462 -17.49 16.92 12.07
CA VAL A 462 -17.83 17.57 10.81
C VAL A 462 -18.92 18.62 10.97
N GLN A 463 -18.72 19.78 10.34
CA GLN A 463 -19.72 20.84 10.32
C GLN A 463 -20.27 21.02 8.92
N ASP A 464 -21.59 21.13 8.84
CA ASP A 464 -22.36 21.31 7.62
C ASP A 464 -22.40 22.77 7.21
N GLU A 465 -23.18 23.05 6.17
CA GLU A 465 -23.31 24.41 5.67
C GLU A 465 -23.83 25.36 6.75
N LYS A 466 -24.85 24.90 7.46
CA LYS A 466 -25.36 25.64 8.62
C LYS A 466 -24.46 25.35 9.82
N GLY A 467 -24.57 26.15 10.87
CA GLY A 467 -23.73 25.99 12.05
C GLY A 467 -24.09 24.79 12.91
N ALA A 468 -24.40 23.68 12.27
CA ALA A 468 -24.79 22.45 12.97
C ALA A 468 -23.69 21.40 12.87
N PHE A 469 -23.40 20.75 13.99
CA PHE A 469 -22.35 19.73 14.01
C PHE A 469 -22.95 18.35 14.23
N ASN A 470 -22.21 17.32 13.82
CA ASN A 470 -22.64 15.94 14.04
C ASN A 470 -22.44 15.54 15.50
N PHE A 471 -21.92 16.47 16.28
CA PHE A 471 -21.73 16.31 17.71
C PHE A 471 -22.27 17.54 18.44
N ASP A 472 -22.63 17.38 19.71
CA ASP A 472 -23.11 18.51 20.50
C ASP A 472 -21.94 19.37 20.94
N GLN A 473 -21.86 20.58 20.39
CA GLN A 473 -20.74 21.48 20.65
C GLN A 473 -20.62 21.88 22.12
N GLU A 474 -21.76 22.00 22.78
CA GLU A 474 -21.81 22.52 24.14
C GLU A 474 -21.50 21.46 25.20
N THR A 475 -21.47 20.20 24.81
CA THR A 475 -21.30 19.10 25.77
C THR A 475 -19.98 18.36 25.64
N VAL A 476 -19.28 18.56 24.53
CA VAL A 476 -18.02 17.87 24.30
C VAL A 476 -16.83 18.70 24.78
N ILE A 477 -15.96 18.06 25.56
CA ILE A 477 -14.79 18.72 26.11
C ILE A 477 -13.50 18.03 25.70
N ASN A 478 -12.53 18.81 25.22
CA ASN A 478 -11.21 18.29 24.92
C ASN A 478 -10.49 17.88 26.20
N PRO A 479 -10.27 16.57 26.40
CA PRO A 479 -9.72 16.05 27.64
C PRO A 479 -8.24 16.38 27.86
N GLU A 480 -7.61 17.02 26.88
CA GLU A 480 -6.20 17.37 27.00
C GLU A 480 -6.00 18.86 27.25
N THR A 481 -7.05 19.65 27.02
CA THR A 481 -6.97 21.10 27.22
C THR A 481 -7.83 21.53 28.41
N GLY A 482 -9.09 21.10 28.41
CA GLY A 482 -10.02 21.45 29.47
C GLY A 482 -11.20 22.27 28.97
N GLU A 483 -10.96 23.02 27.90
CA GLU A 483 -12.02 23.84 27.30
C GLU A 483 -12.74 23.09 26.19
N GLN A 484 -13.77 23.70 25.64
CA GLN A 484 -14.57 23.05 24.59
C GLN A 484 -13.79 22.94 23.28
N ILE A 485 -14.41 22.31 22.29
CA ILE A 485 -13.76 22.06 21.00
C ILE A 485 -13.79 23.30 20.11
N GLN A 486 -12.64 23.64 19.53
CA GLN A 486 -12.53 24.82 18.68
C GLN A 486 -12.04 24.47 17.28
N SER A 487 -11.88 23.19 17.00
CA SER A 487 -11.41 22.73 15.70
C SER A 487 -12.26 21.58 15.16
N TRP A 488 -12.48 21.57 13.84
CA TRP A 488 -13.29 20.53 13.21
C TRP A 488 -13.06 20.45 11.71
N TYR A 489 -13.63 19.43 11.08
CA TYR A 489 -13.52 19.27 9.64
C TYR A 489 -14.65 20.02 8.92
N ARG A 490 -14.28 20.99 8.10
CA ARG A 490 -15.25 21.77 7.36
C ARG A 490 -15.82 20.98 6.19
N CYS A 491 -16.66 21.64 5.40
CA CYS A 491 -17.27 21.00 4.24
C CYS A 491 -16.23 20.65 3.18
N GLY A 492 -16.19 19.38 2.80
CA GLY A 492 -15.29 18.92 1.75
C GLY A 492 -13.93 18.44 2.25
N GLU A 493 -13.62 18.77 3.49
CA GLU A 493 -12.34 18.38 4.07
C GLU A 493 -12.35 16.93 4.56
N THR A 494 -11.37 16.16 4.12
CA THR A 494 -11.22 14.77 4.56
C THR A 494 -9.99 14.61 5.46
N TRP A 495 -9.80 13.39 5.96
CA TRP A 495 -8.64 13.09 6.79
C TRP A 495 -7.33 13.31 6.05
N ASP A 496 -7.27 12.84 4.81
CA ASP A 496 -6.07 12.94 4.00
C ASP A 496 -5.82 14.35 3.49
N SER A 497 -6.88 15.09 3.21
CA SER A 497 -6.76 16.43 2.64
C SER A 497 -6.16 17.42 3.65
N LYS A 498 -6.32 17.13 4.93
CA LYS A 498 -5.91 18.05 5.97
C LYS A 498 -4.54 17.70 6.55
N PHE A 499 -4.26 16.41 6.71
CA PHE A 499 -3.00 15.97 7.29
C PHE A 499 -1.96 15.68 6.22
N SER A 500 -2.45 15.45 5.00
CA SER A 500 -1.61 15.22 3.81
C SER A 500 -0.39 14.32 4.05
N THR A 501 0.78 14.94 4.11
CA THR A 501 2.06 14.22 4.08
C THR A 501 2.35 13.32 5.28
N ILE A 502 1.45 13.31 6.27
CA ILE A 502 1.63 12.42 7.41
C ILE A 502 0.35 11.65 7.73
N ALA A 503 -0.68 11.86 6.91
CA ALA A 503 -1.98 11.22 7.12
C ALA A 503 -1.88 9.71 7.19
N SER A 504 -1.16 9.11 6.25
CA SER A 504 -1.01 7.66 6.19
C SER A 504 -0.27 7.13 7.43
N SER A 505 0.87 7.74 7.74
CA SER A 505 1.70 7.29 8.85
C SER A 505 1.01 7.48 10.20
N TYR A 506 0.35 8.62 10.35
CA TYR A 506 -0.33 8.98 11.60
C TYR A 506 -1.42 7.97 11.97
N GLU A 507 -2.22 7.59 10.98
CA GLU A 507 -3.36 6.71 11.20
C GLU A 507 -2.93 5.27 11.49
N GLU A 508 -1.89 4.81 10.81
CA GLU A 508 -1.38 3.46 11.07
C GLU A 508 -0.79 3.39 12.48
N CYS A 509 -0.13 4.47 12.89
CA CYS A 509 0.45 4.56 14.23
C CYS A 509 -0.62 4.51 15.30
N ARG A 510 -1.76 5.15 15.02
CA ARG A 510 -2.89 5.12 15.93
C ARG A 510 -3.49 3.71 15.95
N ALA A 511 -3.48 3.06 14.79
CA ALA A 511 -3.98 1.70 14.67
C ALA A 511 -3.03 0.70 15.34
N GLU A 512 -1.74 0.89 15.11
CA GLU A 512 -0.72 0.03 15.70
C GLU A 512 -0.72 0.10 17.22
N SER A 513 -0.86 1.31 17.75
CA SER A 513 -0.86 1.53 19.18
C SER A 513 -2.10 0.91 19.83
N VAL A 514 -3.23 1.02 19.13
CA VAL A 514 -4.46 0.37 19.58
C VAL A 514 -4.26 -1.14 19.70
N GLY A 515 -3.61 -1.72 18.69
CA GLY A 515 -3.31 -3.13 18.67
C GLY A 515 -2.49 -3.57 19.86
N LEU A 516 -1.41 -2.85 20.13
CA LEU A 516 -0.55 -3.11 21.29
C LEU A 516 -1.32 -2.96 22.59
N TYR A 517 -2.12 -1.89 22.66
CA TYR A 517 -2.88 -1.55 23.85
C TYR A 517 -3.86 -2.67 24.22
N LEU A 518 -4.71 -3.04 23.27
CA LEU A 518 -5.78 -3.99 23.54
C LEU A 518 -5.29 -5.44 23.52
N SER A 519 -4.00 -5.63 23.23
CA SER A 519 -3.42 -6.98 23.21
C SER A 519 -3.13 -7.46 24.62
N LEU A 520 -3.26 -6.57 25.59
CA LEU A 520 -3.01 -6.91 26.99
C LEU A 520 -4.24 -7.54 27.63
N HIS A 521 -5.38 -7.42 26.95
CA HIS A 521 -6.65 -7.94 27.44
C HIS A 521 -6.72 -9.46 27.34
N PRO A 522 -6.83 -10.15 28.48
CA PRO A 522 -6.94 -11.61 28.51
C PRO A 522 -8.16 -12.13 27.76
N GLN A 523 -9.20 -11.30 27.62
CA GLN A 523 -10.41 -11.70 26.91
C GLN A 523 -10.16 -11.85 25.41
N VAL A 524 -9.46 -10.87 24.83
CA VAL A 524 -9.14 -10.88 23.41
C VAL A 524 -8.28 -12.09 23.05
N LEU A 525 -7.33 -12.41 23.93
CA LEU A 525 -6.46 -13.57 23.75
C LEU A 525 -7.26 -14.87 23.79
N GLU A 526 -8.32 -14.87 24.59
CA GLU A 526 -9.19 -16.03 24.73
C GLU A 526 -10.00 -16.25 23.45
N ILE A 527 -10.31 -15.17 22.75
CA ILE A 527 -11.03 -15.25 21.48
C ILE A 527 -10.22 -16.06 20.48
N PHE A 528 -8.90 -15.85 20.50
CA PHE A 528 -7.99 -16.61 19.65
C PHE A 528 -7.64 -17.94 20.31
N GLY A 529 -7.76 -17.98 21.64
CA GLY A 529 -7.51 -19.21 22.38
C GLY A 529 -6.09 -19.34 22.90
N PHE A 530 -5.82 -18.72 24.04
CA PHE A 530 -4.51 -18.82 24.67
C PHE A 530 -4.65 -19.00 26.18
N GLU A 531 -5.36 -18.07 26.82
CA GLU A 531 -5.72 -18.11 28.25
C GLU A 531 -4.70 -18.76 29.19
N GLY A 532 -3.53 -18.16 29.32
CA GLY A 532 -2.54 -18.67 30.25
C GLY A 532 -1.16 -18.06 30.10
N ALA A 533 -0.13 -18.87 30.35
CA ALA A 533 1.24 -18.43 30.20
C ALA A 533 1.60 -18.31 28.73
N ASP A 534 0.88 -19.03 27.89
CA ASP A 534 1.04 -18.91 26.45
C ASP A 534 0.47 -17.58 25.98
N ALA A 535 -0.54 -17.09 26.69
CA ALA A 535 -1.11 -15.78 26.43
C ALA A 535 -0.11 -14.69 26.81
N GLU A 536 0.61 -14.91 27.91
CA GLU A 536 1.62 -13.98 28.38
C GLU A 536 2.78 -13.86 27.39
N ASP A 537 3.16 -14.99 26.80
CA ASP A 537 4.27 -15.04 25.85
C ASP A 537 3.92 -14.32 24.55
N VAL A 538 2.70 -14.52 24.06
CA VAL A 538 2.20 -13.86 22.86
C VAL A 538 2.30 -12.34 23.00
N ILE A 539 1.87 -11.85 24.16
CA ILE A 539 1.96 -10.43 24.48
C ILE A 539 3.41 -9.94 24.41
N TYR A 540 4.30 -10.64 25.10
CA TYR A 540 5.71 -10.25 25.12
C TYR A 540 6.30 -10.24 23.71
N VAL A 541 5.88 -11.19 22.89
CA VAL A 541 6.36 -11.26 21.51
C VAL A 541 5.78 -10.11 20.69
N ASN A 542 4.49 -9.84 20.86
CA ASN A 542 3.82 -8.77 20.13
C ASN A 542 4.47 -7.42 20.38
N TRP A 543 4.99 -7.24 21.58
CA TRP A 543 5.66 -5.99 21.96
C TRP A 543 7.13 -5.98 21.55
N LEU A 544 7.79 -7.13 21.70
CA LEU A 544 9.21 -7.25 21.33
C LEU A 544 9.36 -7.11 19.82
N ASN A 545 8.39 -7.64 19.09
CA ASN A 545 8.35 -7.49 17.64
C ASN A 545 8.19 -6.03 17.26
N MET A 546 7.30 -5.34 17.97
CA MET A 546 7.04 -3.94 17.71
C MET A 546 8.28 -3.08 17.96
N VAL A 547 8.96 -3.35 19.07
CA VAL A 547 10.17 -2.62 19.43
C VAL A 547 11.26 -2.86 18.41
N ARG A 548 11.46 -4.11 18.04
CA ARG A 548 12.49 -4.47 17.05
C ARG A 548 12.17 -3.87 15.68
N ALA A 549 10.89 -3.87 15.30
CA ALA A 549 10.46 -3.27 14.05
C ALA A 549 10.80 -1.79 14.04
N GLY A 550 10.66 -1.14 15.20
CA GLY A 550 10.97 0.27 15.34
C GLY A 550 12.43 0.57 15.06
N LEU A 551 13.29 -0.36 15.43
CA LEU A 551 14.72 -0.21 15.17
C LEU A 551 15.04 -0.49 13.70
N LEU A 552 14.42 -1.54 13.15
CA LEU A 552 14.62 -1.91 11.76
C LEU A 552 14.08 -0.86 10.80
N ALA A 553 13.21 0.00 11.30
CA ALA A 553 12.55 1.00 10.47
C ALA A 553 13.52 2.07 9.98
N LEU A 554 14.71 2.10 10.57
CA LEU A 554 15.69 3.13 10.22
C LEU A 554 16.18 3.01 8.77
N GLU A 555 15.97 1.83 8.17
CA GLU A 555 16.30 1.61 6.77
C GLU A 555 15.49 2.52 5.85
N PHE A 556 14.23 2.77 6.25
CA PHE A 556 13.30 3.52 5.42
C PHE A 556 13.29 5.00 5.76
N TYR A 557 14.37 5.49 6.34
CA TYR A 557 14.52 6.90 6.64
C TYR A 557 15.68 7.50 5.83
N THR A 558 15.41 8.61 5.16
CA THR A 558 16.43 9.33 4.42
C THR A 558 16.93 10.52 5.23
N PRO A 559 18.18 10.46 5.70
CA PRO A 559 18.73 11.45 6.63
C PRO A 559 18.92 12.84 6.02
N GLU A 560 19.15 12.89 4.71
CA GLU A 560 19.44 14.17 4.05
C GLU A 560 18.19 14.99 3.80
N ALA A 561 17.05 14.33 3.68
CA ALA A 561 15.80 15.01 3.38
C ALA A 561 14.90 15.07 4.60
N PHE A 562 15.34 14.42 5.68
CA PHE A 562 14.56 14.31 6.91
C PHE A 562 13.17 13.75 6.61
N ASN A 563 13.15 12.75 5.73
CA ASN A 563 11.89 12.22 5.22
C ASN A 563 11.74 10.71 5.40
N TRP A 564 10.56 10.29 5.84
CA TRP A 564 10.24 8.89 5.94
C TRP A 564 9.65 8.41 4.63
N ARG A 565 9.99 7.19 4.23
CA ARG A 565 9.58 6.68 2.93
C ARG A 565 8.47 5.63 3.06
N GLN A 566 8.36 5.01 4.22
CA GLN A 566 7.33 3.99 4.44
C GLN A 566 6.50 4.32 5.67
N ALA A 567 5.18 4.40 5.49
CA ALA A 567 4.28 4.88 6.53
C ALA A 567 4.20 3.98 7.76
N HIS A 568 4.17 2.67 7.52
CA HIS A 568 4.04 1.71 8.63
C HIS A 568 5.29 1.67 9.49
N MET A 569 6.45 1.83 8.86
CA MET A 569 7.71 1.76 9.57
C MET A 569 7.97 3.05 10.34
N GLN A 570 7.53 4.17 9.78
CA GLN A 570 7.61 5.45 10.47
C GLN A 570 6.74 5.41 11.73
N ALA A 571 5.61 4.70 11.62
CA ALA A 571 4.68 4.56 12.72
C ALA A 571 5.30 3.80 13.90
N ARG A 572 6.08 2.78 13.59
CA ARG A 572 6.64 1.90 14.61
C ARG A 572 7.87 2.51 15.27
N PHE A 573 8.60 3.34 14.52
CA PHE A 573 9.71 4.07 15.10
C PHE A 573 9.19 5.10 16.08
N VAL A 574 8.04 5.70 15.75
CA VAL A 574 7.36 6.62 16.65
C VAL A 574 7.00 5.90 17.95
N ILE A 575 6.34 4.76 17.82
CA ILE A 575 5.96 3.95 18.97
C ILE A 575 7.19 3.52 19.77
N LEU A 576 8.29 3.29 19.07
CA LEU A 576 9.54 2.93 19.71
C LEU A 576 10.05 4.07 20.58
N ARG A 577 9.96 5.29 20.07
CA ARG A 577 10.43 6.45 20.81
C ARG A 577 9.48 6.85 21.94
N VAL A 578 8.21 6.49 21.79
CA VAL A 578 7.23 6.70 22.84
C VAL A 578 7.57 5.85 24.06
N LEU A 579 8.05 4.64 23.83
CA LEU A 579 8.38 3.73 24.92
C LEU A 579 9.81 3.95 25.43
N LEU A 580 10.56 4.81 24.74
CA LEU A 580 11.86 5.22 25.21
C LEU A 580 11.73 6.52 26.01
N GLU A 581 10.76 7.33 25.63
CA GLU A 581 10.43 8.55 26.36
C GLU A 581 9.92 8.19 27.75
N ALA A 582 9.23 7.05 27.84
CA ALA A 582 8.67 6.58 29.09
C ALA A 582 9.76 6.14 30.06
N GLY A 583 10.91 5.75 29.51
CA GLY A 583 12.05 5.36 30.32
C GLY A 583 11.78 4.18 31.23
N GLU A 584 12.25 4.30 32.47
CA GLU A 584 12.07 3.27 33.51
C GLU A 584 12.66 1.92 33.11
N GLY A 585 13.59 1.94 32.15
CA GLY A 585 14.27 0.73 31.71
C GLY A 585 13.41 -0.23 30.91
N LEU A 586 12.40 0.30 30.23
CA LEU A 586 11.50 -0.52 29.43
C LEU A 586 12.19 -1.03 28.17
N VAL A 587 12.72 -0.11 27.38
CA VAL A 587 13.38 -0.47 26.12
C VAL A 587 14.82 0.05 26.11
N THR A 588 15.74 -0.80 25.67
CA THR A 588 17.13 -0.39 25.53
C THR A 588 17.72 -0.86 24.20
N ILE A 589 18.45 0.01 23.53
CA ILE A 589 19.14 -0.34 22.29
C ILE A 589 20.64 -0.13 22.47
N THR A 590 21.40 -1.23 22.48
CA THR A 590 22.82 -1.18 22.76
C THR A 590 23.68 -1.61 21.58
N PRO A 591 24.60 -0.72 21.14
CA PRO A 591 25.55 -1.05 20.08
C PRO A 591 26.57 -2.10 20.51
N THR A 592 26.59 -3.23 19.82
CA THR A 592 27.50 -4.33 20.16
C THR A 592 28.36 -4.75 18.98
N THR A 593 28.79 -6.01 19.00
CA THR A 593 29.60 -6.57 17.92
C THR A 593 29.21 -8.03 17.66
N GLY A 594 28.84 -8.33 16.42
CA GLY A 594 28.39 -9.66 16.06
C GLY A 594 29.50 -10.68 15.94
N SER A 595 29.14 -11.92 15.62
CA SER A 595 30.09 -13.02 15.47
C SER A 595 31.09 -12.76 14.35
N ASP A 596 30.62 -12.06 13.30
CA ASP A 596 31.46 -11.76 12.15
C ASP A 596 32.38 -10.57 12.41
N GLY A 597 32.20 -9.91 13.55
CA GLY A 597 33.02 -8.79 13.93
C GLY A 597 32.44 -7.45 13.51
N ARG A 598 31.47 -7.49 12.61
CA ARG A 598 30.82 -6.29 12.11
C ARG A 598 30.01 -5.59 13.19
N PRO A 599 29.82 -4.27 13.07
CA PRO A 599 29.01 -3.50 14.03
C PRO A 599 27.60 -4.07 14.17
N ASP A 600 27.13 -4.21 15.40
CA ASP A 600 25.82 -4.79 15.66
C ASP A 600 25.01 -3.97 16.67
N ALA A 601 23.90 -4.53 17.13
CA ALA A 601 23.05 -3.90 18.12
C ALA A 601 22.13 -4.93 18.77
N ARG A 602 21.66 -4.62 19.98
CA ARG A 602 20.78 -5.53 20.70
C ARG A 602 19.53 -4.82 21.20
N VAL A 603 18.44 -5.57 21.30
CA VAL A 603 17.17 -5.01 21.78
C VAL A 603 16.68 -5.77 23.01
N ARG A 604 16.62 -5.07 24.13
CA ARG A 604 16.16 -5.68 25.39
C ARG A 604 14.86 -5.03 25.85
N LEU A 605 13.90 -5.87 26.22
CA LEU A 605 12.58 -5.41 26.65
C LEU A 605 12.16 -6.11 27.94
N ASP A 606 11.77 -5.31 28.93
CA ASP A 606 11.37 -5.86 30.23
C ASP A 606 9.91 -6.33 30.22
N ARG A 607 9.72 -7.63 30.46
CA ARG A 607 8.40 -8.25 30.42
C ARG A 607 7.47 -7.74 31.52
N SER A 608 7.99 -7.61 32.73
CA SER A 608 7.18 -7.25 33.89
C SER A 608 6.75 -5.78 33.88
N LYS A 609 7.49 -4.94 33.16
CA LYS A 609 7.21 -3.51 33.12
C LYS A 609 6.35 -3.10 31.94
N ILE A 610 5.83 -4.10 31.22
CA ILE A 610 4.97 -3.83 30.07
C ILE A 610 3.64 -3.22 30.50
N ARG A 611 3.11 -3.69 31.63
CA ARG A 611 1.81 -3.23 32.10
C ARG A 611 1.92 -2.04 33.07
N SER A 612 3.09 -1.88 33.68
CA SER A 612 3.27 -0.85 34.70
C SER A 612 3.89 0.43 34.13
N VAL A 613 4.59 0.30 33.02
CA VAL A 613 5.25 1.46 32.41
C VAL A 613 4.82 1.66 30.96
N GLY A 614 4.74 0.56 30.21
CA GLY A 614 4.39 0.62 28.80
C GLY A 614 2.97 1.07 28.53
N LYS A 615 2.01 0.38 29.15
CA LYS A 615 0.59 0.68 28.97
C LYS A 615 0.19 2.12 29.29
N PRO A 616 0.61 2.66 30.45
CA PRO A 616 0.19 4.05 30.71
C PRO A 616 0.85 5.05 29.75
N ALA A 617 2.06 4.76 29.31
CA ALA A 617 2.77 5.63 28.38
C ALA A 617 2.13 5.58 27.00
N LEU A 618 1.62 4.41 26.66
CA LEU A 618 0.95 4.22 25.38
C LEU A 618 -0.44 4.82 25.42
N GLU A 619 -1.09 4.74 26.58
CA GLU A 619 -2.43 5.29 26.76
C GLU A 619 -2.43 6.81 26.62
N ARG A 620 -1.44 7.45 27.25
CA ARG A 620 -1.26 8.90 27.13
C ARG A 620 -1.04 9.29 25.68
N PHE A 621 -0.19 8.55 25.00
CA PHE A 621 0.10 8.79 23.59
C PHE A 621 -1.10 8.49 22.71
N LEU A 622 -1.84 7.44 23.06
CA LEU A 622 -3.00 7.02 22.29
C LEU A 622 -4.14 8.03 22.40
N ARG A 623 -4.30 8.61 23.58
CA ARG A 623 -5.37 9.57 23.82
C ARG A 623 -5.10 10.88 23.09
N ARG A 624 -3.83 11.29 23.03
CA ARG A 624 -3.46 12.52 22.33
C ARG A 624 -3.69 12.40 20.82
N LEU A 625 -3.43 11.22 20.27
CA LEU A 625 -3.58 10.99 18.83
C LEU A 625 -5.01 11.17 18.36
N GLN A 626 -5.95 10.54 19.06
CA GLN A 626 -7.36 10.58 18.67
C GLN A 626 -7.97 11.97 18.88
N VAL A 627 -7.52 12.66 19.92
CA VAL A 627 -7.98 14.01 20.21
C VAL A 627 -7.62 14.94 19.06
N LEU A 628 -6.38 14.82 18.57
CA LEU A 628 -5.91 15.67 17.48
C LEU A 628 -6.42 15.22 16.12
N LYS A 629 -6.92 13.98 16.03
CA LYS A 629 -7.48 13.50 14.78
C LYS A 629 -8.94 13.92 14.63
N SER A 630 -9.70 13.81 15.71
CA SER A 630 -11.13 14.12 15.68
C SER A 630 -11.40 15.60 15.47
N THR A 631 -10.64 16.45 16.15
CA THR A 631 -10.81 17.90 15.99
C THR A 631 -10.14 18.37 14.70
N GLY A 632 -9.25 17.53 14.16
CA GLY A 632 -8.55 17.87 12.94
C GLY A 632 -7.53 18.98 13.15
N ASP A 633 -6.86 18.95 14.30
CA ASP A 633 -5.84 19.95 14.60
C ASP A 633 -4.51 19.54 13.96
N VAL A 634 -4.30 20.01 12.75
CA VAL A 634 -3.10 19.67 11.98
C VAL A 634 -1.81 20.17 12.62
N ALA A 635 -1.78 21.46 12.94
CA ALA A 635 -0.60 22.10 13.49
C ALA A 635 -0.10 21.40 14.74
N GLY A 636 -1.03 20.99 15.59
CA GLY A 636 -0.70 20.27 16.80
C GLY A 636 -0.42 18.80 16.51
N GLY A 637 -1.21 18.24 15.60
CA GLY A 637 -1.03 16.86 15.19
C GLY A 637 0.35 16.63 14.60
N ARG A 638 0.78 17.55 13.74
CA ARG A 638 2.10 17.48 13.15
C ARG A 638 3.20 17.63 14.18
N ALA A 639 3.04 18.59 15.09
CA ALA A 639 4.05 18.85 16.11
C ALA A 639 4.25 17.65 17.03
N LEU A 640 3.17 16.91 17.24
CA LEU A 640 3.21 15.72 18.11
C LEU A 640 3.87 14.53 17.40
N TYR A 641 3.37 14.23 16.21
CA TYR A 641 3.82 13.04 15.48
C TYR A 641 5.23 13.21 14.94
N GLU A 642 5.47 14.32 14.25
CA GLU A 642 6.79 14.61 13.70
C GLU A 642 7.80 14.90 14.81
N GLY A 643 7.30 14.98 16.05
CA GLY A 643 8.17 15.12 17.20
C GLY A 643 8.81 13.80 17.54
N TYR A 644 8.02 12.73 17.54
CA TYR A 644 8.54 11.39 17.83
C TYR A 644 9.11 10.73 16.58
N ALA A 645 8.78 11.25 15.41
CA ALA A 645 9.28 10.70 14.16
C ALA A 645 10.61 11.34 13.78
N THR A 646 11.17 12.12 14.69
CA THR A 646 12.43 12.80 14.45
C THR A 646 13.60 11.85 14.69
N VAL A 647 14.43 11.68 13.66
CA VAL A 647 15.59 10.81 13.77
C VAL A 647 16.85 11.63 14.04
N THR A 648 17.35 11.52 15.26
CA THR A 648 18.60 12.17 15.65
C THR A 648 19.42 11.18 16.46
N ASP A 649 20.74 11.41 16.53
CA ASP A 649 21.59 10.50 17.27
C ASP A 649 21.81 11.00 18.70
N ALA A 650 20.78 11.60 19.28
CA ALA A 650 20.80 12.00 20.67
C ALA A 650 20.90 10.78 21.58
N PRO A 651 21.64 10.89 22.68
CA PRO A 651 21.81 9.78 23.62
C PRO A 651 20.48 9.39 24.28
N PRO A 652 20.38 8.14 24.77
CA PRO A 652 21.43 7.13 24.67
C PRO A 652 21.32 6.24 23.43
N GLU A 653 20.27 6.43 22.64
CA GLU A 653 19.99 5.54 21.50
C GLU A 653 20.93 5.77 20.32
N SER A 654 21.13 7.03 19.95
CA SER A 654 21.96 7.40 18.80
C SER A 654 21.54 6.67 17.53
N PHE A 655 20.44 7.11 16.94
CA PHE A 655 19.81 6.40 15.83
C PHE A 655 20.54 6.52 14.50
N LEU A 656 21.12 7.69 14.23
CA LEU A 656 21.86 7.90 12.98
C LEU A 656 23.03 6.94 12.87
N THR A 657 23.63 6.60 14.02
CA THR A 657 24.71 5.63 14.06
C THR A 657 24.16 4.21 13.92
N LEU A 658 23.04 3.96 14.59
CA LEU A 658 22.38 2.66 14.50
C LEU A 658 21.86 2.39 13.09
N ARG A 659 21.50 3.45 12.38
CA ARG A 659 20.95 3.33 11.04
C ARG A 659 21.89 2.60 10.11
N ASP A 660 23.17 2.95 10.16
CA ASP A 660 24.18 2.30 9.34
C ASP A 660 24.27 0.82 9.65
N THR A 661 24.14 0.48 10.93
CA THR A 661 24.16 -0.90 11.38
C THR A 661 22.96 -1.65 10.82
N VAL A 662 21.81 -0.98 10.76
CA VAL A 662 20.60 -1.57 10.21
C VAL A 662 20.73 -1.77 8.70
N LEU A 663 21.31 -0.78 8.02
CA LEU A 663 21.52 -0.86 6.58
C LEU A 663 22.55 -1.93 6.22
N LEU A 664 23.56 -2.07 7.08
CA LEU A 664 24.64 -3.01 6.83
C LEU A 664 24.17 -4.45 6.96
N ARG A 665 23.21 -4.68 7.85
CA ARG A 665 22.74 -6.03 8.14
C ARG A 665 21.27 -6.20 7.78
N LYS A 666 20.79 -5.42 6.82
CA LYS A 666 19.38 -5.46 6.45
C LYS A 666 19.04 -6.71 5.63
N GLU A 667 17.75 -7.05 5.60
CA GLU A 667 17.28 -8.20 4.85
C GLU A 667 16.11 -7.81 3.96
N SER A 668 16.30 -7.91 2.65
CA SER A 668 15.26 -7.58 1.68
C SER A 668 14.03 -8.47 1.87
N ARG A 669 12.84 -7.88 1.73
CA ARG A 669 11.63 -8.67 1.81
C ARG A 669 11.50 -9.57 0.58
N LYS A 670 10.78 -10.68 0.75
CA LYS A 670 10.68 -11.68 -0.29
C LYS A 670 9.66 -11.32 -1.36
N LEU A 671 9.88 -11.80 -2.58
CA LEU A 671 8.94 -11.62 -3.68
C LEU A 671 7.87 -12.70 -3.64
N ILE A 672 6.69 -12.37 -4.13
CA ILE A 672 5.58 -13.33 -4.09
C ILE A 672 5.06 -13.66 -5.49
N VAL A 673 5.04 -14.94 -5.80
CA VAL A 673 4.48 -15.43 -7.06
C VAL A 673 3.00 -15.72 -6.89
N GLN A 674 2.17 -15.15 -7.76
CA GLN A 674 0.74 -15.34 -7.70
C GLN A 674 0.28 -16.26 -8.81
N PRO A 675 -0.77 -17.06 -8.55
CA PRO A 675 -1.25 -18.02 -9.56
C PRO A 675 -1.98 -17.33 -10.71
N ASN A 676 -2.43 -18.13 -11.68
CA ASN A 676 -3.24 -17.62 -12.78
C ASN A 676 -4.49 -18.47 -12.96
N THR A 677 -5.50 -17.91 -13.63
CA THR A 677 -6.70 -18.64 -13.96
C THR A 677 -6.91 -18.62 -15.48
N ARG A 678 -7.08 -19.80 -16.05
CA ARG A 678 -7.27 -19.94 -17.49
C ARG A 678 -8.64 -20.54 -17.78
N LEU A 679 -9.20 -20.19 -18.93
CA LEU A 679 -10.55 -20.64 -19.30
C LEU A 679 -10.56 -21.43 -20.60
N GLU A 680 -10.91 -22.70 -20.52
CA GLU A 680 -11.07 -23.53 -21.71
C GLU A 680 -12.50 -24.06 -21.82
N GLY A 681 -13.23 -23.60 -22.83
CA GLY A 681 -14.61 -23.97 -23.01
C GLY A 681 -15.50 -23.43 -21.91
N SER A 682 -15.66 -24.21 -20.84
CA SER A 682 -16.46 -23.78 -19.69
C SER A 682 -15.73 -24.07 -18.38
N ASP A 683 -14.58 -24.72 -18.48
CA ASP A 683 -13.79 -25.07 -17.30
C ASP A 683 -12.79 -23.98 -16.93
N VAL A 684 -12.69 -23.70 -15.63
CA VAL A 684 -11.72 -22.73 -15.13
C VAL A 684 -10.60 -23.44 -14.36
N GLN A 685 -9.40 -23.42 -14.93
CA GLN A 685 -8.27 -24.10 -14.31
C GLN A 685 -7.36 -23.13 -13.56
N LEU A 686 -6.55 -23.66 -12.65
CA LEU A 686 -5.61 -22.84 -11.90
C LEU A 686 -4.18 -23.16 -12.29
N LEU A 687 -3.45 -22.14 -12.74
CA LEU A 687 -2.06 -22.30 -13.12
C LEU A 687 -1.13 -21.82 -12.02
N GLU A 688 -0.29 -22.72 -11.51
CA GLU A 688 0.66 -22.38 -10.46
C GLU A 688 2.08 -22.30 -11.00
N TYR A 689 2.98 -21.70 -10.25
CA TYR A 689 4.35 -21.49 -10.71
C TYR A 689 5.40 -21.78 -9.64
N GLU A 690 6.66 -21.78 -10.06
CA GLU A 690 7.78 -22.05 -9.17
C GLU A 690 8.03 -20.88 -8.23
N ALA A 691 8.46 -21.17 -7.00
CA ALA A 691 8.86 -20.12 -6.06
C ALA A 691 10.26 -19.65 -6.41
N SER A 692 10.40 -19.02 -7.56
CA SER A 692 11.69 -18.55 -8.07
C SER A 692 11.52 -17.24 -8.82
N ALA A 693 12.64 -16.59 -9.14
CA ALA A 693 12.60 -15.38 -9.95
C ALA A 693 12.09 -15.73 -11.34
N ALA A 694 12.62 -16.82 -11.89
CA ALA A 694 12.21 -17.28 -13.21
C ALA A 694 10.75 -17.71 -13.21
N GLY A 695 10.32 -18.30 -12.09
CA GLY A 695 8.94 -18.72 -11.95
C GLY A 695 7.99 -17.53 -11.92
N LEU A 696 8.42 -16.46 -11.26
CA LEU A 696 7.62 -15.25 -11.15
C LEU A 696 7.47 -14.57 -12.52
N ILE A 697 8.55 -14.58 -13.29
CA ILE A 697 8.55 -14.00 -14.63
C ILE A 697 7.58 -14.76 -15.53
N ARG A 698 7.58 -16.09 -15.42
CA ARG A 698 6.67 -16.91 -16.21
C ARG A 698 5.22 -16.64 -15.83
N SER A 699 4.99 -16.29 -14.56
CA SER A 699 3.64 -16.01 -14.08
C SER A 699 3.07 -14.77 -14.76
N PHE A 700 3.94 -13.89 -15.23
CA PHE A 700 3.50 -12.67 -15.91
C PHE A 700 3.46 -12.85 -17.43
N SER A 701 4.31 -13.74 -17.94
CA SER A 701 4.34 -14.00 -19.37
C SER A 701 3.06 -14.67 -19.84
N GLU A 702 2.45 -15.45 -18.96
CA GLU A 702 1.19 -16.14 -19.27
C GLU A 702 0.01 -15.44 -18.61
N ARG A 703 0.23 -14.23 -18.11
CA ARG A 703 -0.80 -13.47 -17.41
C ARG A 703 -1.76 -12.79 -18.38
N PHE A 704 -1.27 -12.48 -19.57
CA PHE A 704 -2.09 -11.86 -20.60
C PHE A 704 -1.96 -12.62 -21.90
N PRO A 705 -2.74 -13.70 -22.06
CA PRO A 705 -2.64 -14.57 -23.25
C PRO A 705 -3.17 -13.92 -24.51
N GLU A 706 -4.26 -13.18 -24.40
CA GLU A 706 -4.87 -12.54 -25.56
C GLU A 706 -4.17 -11.24 -25.93
N ASP A 707 -4.06 -10.35 -24.95
CA ASP A 707 -3.67 -8.97 -25.22
C ASP A 707 -2.20 -8.68 -24.95
N GLY A 708 -1.38 -9.73 -24.96
CA GLY A 708 0.05 -9.62 -24.73
C GLY A 708 0.70 -8.45 -25.47
N PRO A 709 0.84 -8.57 -26.81
CA PRO A 709 1.38 -7.52 -27.69
C PRO A 709 0.61 -6.21 -27.63
N GLU A 710 -0.69 -6.28 -27.36
CA GLU A 710 -1.54 -5.09 -27.36
C GLU A 710 -1.34 -4.24 -26.10
N LEU A 711 -1.21 -4.90 -24.96
CA LEU A 711 -1.01 -4.21 -23.69
C LEU A 711 0.35 -3.50 -23.64
N GLU A 712 1.35 -4.14 -24.21
CA GLU A 712 2.67 -3.52 -24.35
C GLU A 712 2.60 -2.28 -25.23
N GLU A 713 1.62 -2.28 -26.15
CA GLU A 713 1.44 -1.16 -27.06
C GLU A 713 0.74 0.00 -26.37
N ILE A 714 -0.27 -0.33 -25.56
CA ILE A 714 -1.01 0.67 -24.81
C ILE A 714 -0.12 1.41 -23.80
N LEU A 715 0.61 0.65 -22.99
CA LEU A 715 1.49 1.23 -21.97
C LEU A 715 2.59 2.10 -22.59
N THR A 716 2.95 1.79 -23.83
CA THR A 716 4.00 2.53 -24.52
C THR A 716 3.53 3.92 -24.94
N GLN A 717 2.42 3.99 -25.64
CA GLN A 717 1.93 5.27 -26.16
C GLN A 717 1.40 6.17 -25.06
N LEU A 718 0.85 5.57 -24.00
CA LEU A 718 0.38 6.34 -22.85
C LEU A 718 1.54 7.05 -22.17
N ALA A 719 2.71 6.40 -22.17
CA ALA A 719 3.91 6.98 -21.60
C ALA A 719 4.54 7.99 -22.55
N THR A 720 4.37 7.76 -23.85
CA THR A 720 4.91 8.63 -24.88
C THR A 720 4.24 10.01 -24.87
N ALA A 721 2.93 10.02 -24.67
CA ALA A 721 2.17 11.26 -24.66
C ALA A 721 2.58 12.20 -23.54
N ASP A 722 2.81 11.64 -22.35
CA ASP A 722 3.10 12.44 -21.16
C ASP A 722 4.59 12.60 -20.91
N ALA A 723 5.41 12.20 -21.88
CA ALA A 723 6.87 12.26 -21.73
C ALA A 723 7.40 13.68 -21.50
N ARG A 724 6.59 14.67 -21.87
CA ARG A 724 6.99 16.07 -21.78
C ARG A 724 7.12 16.53 -20.34
N PHE A 725 6.41 15.87 -19.44
CA PHE A 725 6.30 16.30 -18.04
C PHE A 725 7.54 15.97 -17.23
N TRP A 726 8.35 15.04 -17.71
CA TRP A 726 9.51 14.60 -16.94
C TRP A 726 10.75 14.49 -17.83
ZN ZN B . -3.52 -0.42 8.71
MG MG C . 10.07 15.53 -8.73
#